data_6FFC
#
_entry.id   6FFC
#
_cell.length_a   1.00
_cell.length_b   1.00
_cell.length_c   1.00
_cell.angle_alpha   90.00
_cell.angle_beta   90.00
_cell.angle_gamma   90.00
#
_symmetry.space_group_name_H-M   'P 1'
#
loop_
_entity.id
_entity.type
_entity.pdbx_description
1 polymer 'ATP-binding cassette sub-family G member 2'
2 non-polymer '~{tert}-butyl 3-[(2~{S},5~{S},8~{S})-14-cyclopentyloxy-2-(2-methylpropyl)-4,7-bis(oxidanylidene)-3,6,17-triazatetracyclo[8.7.0.0^{3,8}.0^{11,16}]heptadeca-1(10),11,13,15-tetraen-5-yl]propanoate'
#
_entity_poly.entity_id   1
_entity_poly.type   'polypeptide(L)'
_entity_poly.pdbx_seq_one_letter_code
;DYKDDDDKGSSSSNVEVFIPVSQGNTNGFPATASNDLKAFTEGAVLSFHNICYRVKLKSGFLPCRKPVEKEILSNINGIM
KPGLNAILGPTGGGKSSLLDVLAARKDPSGLSGDVLINGAPRPANFKCNSGYVVQDDVVMGTLTVRENLQFSAALRLATT
MTNHEKNERINRVIQELGLDKVADSKVGTQFIRGVSGGERKRTSIGMELITDPSILFLDEPTTGLDSSTANAVLLLLKRM
SKQGRTIIFSIHQPRYSIFKLFDSLTLLASGRLMFHGPAQEALGYFESAGYHCEAYNNPADFFLDIINGDSTAVALNREE
DFKATEIIEPSKQDKPLIEKLAEIYVNSSFYKETKAELHQLSGGEKKKKITVFKEISYTTSFCHQLRWVSKRSFKNLLGN
PQASIAQIIVTVVLGLVIGAIYFGLKNDSTGIQNRAGVLFFLTTNQCFSSVSAVELFVVEKKLFIHEYISGYYRVSSYFL
GKLLSDLLPMRMLPSIIFTCIVYFMLGLKPKADAFFVMMFTLMMVAYSASSMALAIAAGQSVVSVATLLMTICFVFMMIF
SGLLVNLTTIASWLSWLQYFSIPRYGFTALQHNEFLGQNFCPGLNATGNNPCNYATCTGEEYLVKQGIDLSPWGLWKNHV
ALACMIVIFLTIAYLKLLFLKKYS
;
_entity_poly.pdbx_strand_id   A,B
#
# COMPACT_ATOMS: atom_id res chain seq x y z
N GLY A 43 -25.42 30.38 -23.19
CA GLY A 43 -24.54 29.76 -22.21
C GLY A 43 -23.39 30.66 -21.81
N ALA A 44 -22.49 30.13 -20.98
CA ALA A 44 -21.38 30.92 -20.48
C ALA A 44 -20.22 30.89 -21.47
N VAL A 45 -19.48 32.00 -21.54
CA VAL A 45 -18.32 32.07 -22.41
C VAL A 45 -17.10 32.31 -21.54
N LEU A 46 -16.38 31.24 -21.20
CA LEU A 46 -15.16 31.40 -20.42
C LEU A 46 -14.03 31.83 -21.34
N SER A 47 -13.49 33.02 -21.09
CA SER A 47 -12.49 33.63 -21.97
C SER A 47 -11.27 34.01 -21.15
N PHE A 48 -10.27 33.14 -21.18
CA PHE A 48 -9.03 33.41 -20.45
C PHE A 48 -8.00 34.03 -21.37
N HIS A 49 -7.25 35.00 -20.84
CA HIS A 49 -6.31 35.79 -21.62
C HIS A 49 -5.02 35.96 -20.86
N ASN A 50 -3.90 35.62 -21.51
CA ASN A 50 -2.53 35.90 -21.05
C ASN A 50 -2.26 35.27 -19.68
N ILE A 51 -2.59 33.98 -19.55
CA ILE A 51 -2.31 33.28 -18.31
C ILE A 51 -0.82 32.96 -18.24
N CYS A 52 -0.17 33.47 -17.21
CA CYS A 52 1.16 33.04 -16.82
C CYS A 52 1.03 32.41 -15.45
N TYR A 53 1.65 31.26 -15.25
CA TYR A 53 1.52 30.57 -13.97
C TYR A 53 2.86 29.96 -13.59
N ARG A 54 3.13 29.92 -12.28
CA ARG A 54 4.40 29.43 -11.77
C ARG A 54 4.19 28.90 -10.35
N VAL A 55 5.05 27.95 -9.94
CA VAL A 55 4.96 27.30 -8.64
C VAL A 55 6.32 27.36 -7.95
N LYS A 56 6.29 27.01 -6.67
CA LYS A 56 7.49 26.75 -5.88
C LYS A 56 7.48 25.28 -5.50
N LEU A 57 8.50 24.55 -5.91
CA LEU A 57 8.57 23.11 -5.67
C LEU A 57 9.00 22.82 -4.22
N PRO A 67 13.34 26.39 -1.99
CA PRO A 67 12.18 26.47 -2.89
C PRO A 67 12.57 26.90 -4.30
N VAL A 68 12.47 25.98 -5.25
CA VAL A 68 12.82 26.21 -6.65
C VAL A 68 11.56 26.65 -7.37
N GLU A 69 11.63 27.82 -8.01
CA GLU A 69 10.48 28.42 -8.67
C GLU A 69 10.51 28.08 -10.15
N LYS A 70 9.35 27.69 -10.69
CA LYS A 70 9.26 27.14 -12.03
C LYS A 70 7.90 27.44 -12.64
N GLU A 71 7.91 27.92 -13.89
CA GLU A 71 6.68 28.19 -14.63
C GLU A 71 6.22 26.90 -15.28
N ILE A 72 4.93 26.58 -15.14
CA ILE A 72 4.37 25.38 -15.75
C ILE A 72 3.26 25.77 -16.72
N LEU A 73 2.98 27.07 -16.83
CA LEU A 73 2.17 27.61 -17.91
C LEU A 73 2.80 28.91 -18.36
N SER A 74 3.13 29.04 -19.65
CA SER A 74 3.95 30.17 -20.07
C SER A 74 3.14 31.37 -20.50
N ASN A 75 2.43 31.26 -21.63
CA ASN A 75 1.64 32.36 -22.16
C ASN A 75 0.49 31.75 -22.96
N ILE A 76 -0.67 31.64 -22.33
CA ILE A 76 -1.78 30.89 -22.89
C ILE A 76 -3.01 31.79 -22.89
N ASN A 77 -3.67 31.91 -24.04
CA ASN A 77 -4.94 32.60 -24.13
C ASN A 77 -5.89 31.79 -25.01
N GLY A 78 -7.18 31.89 -24.73
CA GLY A 78 -8.16 31.11 -25.45
C GLY A 78 -9.57 31.45 -25.01
N ILE A 79 -10.52 31.17 -25.90
CA ILE A 79 -11.94 31.38 -25.65
C ILE A 79 -12.65 30.04 -25.75
N MET A 80 -13.57 29.79 -24.85
CA MET A 80 -14.29 28.51 -24.78
C MET A 80 -15.79 28.77 -24.84
N LYS A 81 -16.39 28.41 -25.96
CA LYS A 81 -17.79 28.67 -26.26
C LYS A 81 -18.70 27.76 -25.45
N PRO A 82 -20.00 28.09 -25.39
CA PRO A 82 -20.98 27.08 -24.99
C PRO A 82 -20.96 25.91 -25.97
N GLY A 83 -20.82 24.71 -25.41
CA GLY A 83 -20.47 23.55 -26.21
C GLY A 83 -19.50 22.67 -25.46
N LEU A 84 -18.55 22.08 -26.19
CA LEU A 84 -17.71 21.04 -25.66
C LEU A 84 -16.25 21.35 -25.98
N ASN A 85 -15.46 21.62 -24.95
CA ASN A 85 -14.09 22.10 -25.08
C ASN A 85 -13.15 21.03 -24.55
N ALA A 86 -12.14 20.68 -25.33
CA ALA A 86 -11.23 19.62 -24.96
C ALA A 86 -9.84 20.21 -24.81
N ILE A 87 -9.03 19.61 -23.94
CA ILE A 87 -7.65 20.01 -23.72
C ILE A 87 -6.78 18.77 -23.88
N LEU A 88 -5.89 18.80 -24.86
CA LEU A 88 -5.00 17.68 -25.16
C LEU A 88 -3.57 18.02 -24.79
N GLY A 89 -2.74 16.98 -24.65
CA GLY A 89 -1.33 17.17 -24.42
C GLY A 89 -0.69 15.96 -23.78
N PRO A 90 0.60 16.05 -23.48
CA PRO A 90 1.25 14.98 -22.71
C PRO A 90 0.90 15.08 -21.24
N THR A 91 1.36 14.09 -20.47
CA THR A 91 1.17 14.08 -19.02
C THR A 91 1.91 15.24 -18.37
N GLY A 92 3.16 15.44 -18.77
CA GLY A 92 3.96 16.53 -18.23
C GLY A 92 3.58 17.90 -18.75
N GLY A 93 2.73 17.97 -19.77
CA GLY A 93 2.22 19.25 -20.22
C GLY A 93 1.22 19.83 -19.24
N GLY A 94 0.85 21.08 -19.50
CA GLY A 94 -0.01 21.76 -18.56
C GLY A 94 -1.50 21.57 -18.75
N LYS A 95 -1.97 20.39 -19.15
CA LYS A 95 -3.39 20.20 -19.43
C LYS A 95 -4.21 20.20 -18.13
N SER A 96 -3.82 19.37 -17.16
CA SER A 96 -4.57 19.32 -15.91
C SER A 96 -4.29 20.55 -15.06
N SER A 97 -3.11 21.15 -15.23
CA SER A 97 -2.80 22.38 -14.52
C SER A 97 -3.65 23.53 -15.03
N LEU A 98 -3.84 23.65 -16.34
CA LEU A 98 -4.71 24.71 -16.86
C LEU A 98 -6.16 24.43 -16.53
N LEU A 99 -6.55 23.16 -16.48
CA LEU A 99 -7.91 22.84 -16.10
C LEU A 99 -8.18 23.16 -14.63
N ASP A 100 -7.17 22.99 -13.78
CA ASP A 100 -7.31 23.39 -12.38
C ASP A 100 -7.29 24.90 -12.23
N VAL A 101 -6.56 25.59 -13.11
CA VAL A 101 -6.50 27.05 -13.07
C VAL A 101 -7.84 27.66 -13.45
N LEU A 102 -8.49 27.12 -14.49
CA LEU A 102 -9.75 27.71 -14.93
C LEU A 102 -10.89 27.47 -13.96
N ALA A 103 -10.81 26.43 -13.15
CA ALA A 103 -11.82 26.18 -12.13
C ALA A 103 -11.43 26.72 -10.77
N ALA A 104 -10.37 27.54 -10.71
CA ALA A 104 -9.79 28.10 -9.49
C ALA A 104 -9.37 27.03 -8.48
N ARG A 105 -8.96 25.87 -8.96
CA ARG A 105 -8.50 24.81 -8.07
C ARG A 105 -7.04 24.97 -7.68
N LYS A 106 -6.34 25.95 -8.22
CA LYS A 106 -4.98 26.26 -7.81
C LYS A 106 -4.96 27.69 -7.29
N ASP A 107 -3.96 27.99 -6.45
CA ASP A 107 -3.99 29.19 -5.64
C ASP A 107 -3.82 30.45 -6.50
N PRO A 108 -4.45 31.57 -6.12
CA PRO A 108 -4.34 32.79 -6.92
C PRO A 108 -3.01 33.51 -6.76
N SER A 109 -2.08 32.98 -5.96
CA SER A 109 -0.77 33.61 -5.82
C SER A 109 0.05 33.47 -7.10
N GLY A 110 0.08 32.26 -7.66
CA GLY A 110 0.90 32.03 -8.84
C GLY A 110 0.27 32.51 -10.13
N LEU A 111 -1.06 32.64 -10.14
CA LEU A 111 -1.78 33.03 -11.34
C LEU A 111 -1.50 34.50 -11.68
N SER A 112 -1.17 34.75 -12.96
CA SER A 112 -0.76 36.08 -13.39
C SER A 112 -1.54 36.58 -14.60
N GLY A 113 -2.78 36.16 -14.77
CA GLY A 113 -3.60 36.66 -15.87
C GLY A 113 -5.06 36.57 -15.51
N ASP A 114 -5.86 37.35 -16.24
CA ASP A 114 -7.29 37.40 -15.95
C ASP A 114 -8.04 36.21 -16.53
N VAL A 115 -8.80 35.53 -15.68
CA VAL A 115 -9.73 34.50 -16.10
C VAL A 115 -11.12 35.11 -15.97
N LEU A 116 -11.85 35.16 -17.08
CA LEU A 116 -13.01 36.03 -17.20
C LEU A 116 -14.14 35.31 -17.90
N ILE A 117 -15.27 35.15 -17.21
CA ILE A 117 -16.42 34.44 -17.76
C ILE A 117 -17.49 35.45 -18.16
N ASN A 118 -17.94 35.36 -19.40
CA ASN A 118 -19.14 36.03 -19.93
C ASN A 118 -19.04 37.56 -19.84
N GLY A 119 -17.82 38.08 -19.87
CA GLY A 119 -17.60 39.50 -19.79
C GLY A 119 -17.25 40.05 -18.43
N ALA A 120 -17.07 39.19 -17.43
CA ALA A 120 -16.82 39.62 -16.06
C ALA A 120 -15.80 38.68 -15.43
N PRO A 121 -15.02 39.16 -14.44
CA PRO A 121 -14.13 38.25 -13.72
C PRO A 121 -14.91 37.27 -12.86
N ARG A 122 -14.21 36.24 -12.39
CA ARG A 122 -14.85 35.18 -11.64
C ARG A 122 -15.24 35.67 -10.26
N PRO A 123 -16.51 35.55 -9.87
CA PRO A 123 -16.91 35.95 -8.51
C PRO A 123 -16.42 34.95 -7.47
N ALA A 124 -16.74 35.26 -6.21
CA ALA A 124 -16.32 34.38 -5.12
C ALA A 124 -17.24 33.18 -4.98
N ASN A 125 -18.41 33.23 -5.61
CA ASN A 125 -19.38 32.15 -5.48
C ASN A 125 -19.14 31.08 -6.54
N PHE A 126 -18.13 31.29 -7.39
CA PHE A 126 -17.88 30.52 -8.60
C PHE A 126 -17.65 29.04 -8.37
N LYS A 127 -16.83 28.71 -7.35
CA LYS A 127 -16.60 27.32 -6.99
C LYS A 127 -17.87 26.64 -6.52
N CYS A 128 -18.78 27.40 -5.90
CA CYS A 128 -20.05 26.82 -5.48
C CYS A 128 -21.02 26.71 -6.65
N ASN A 129 -20.70 27.34 -7.78
CA ASN A 129 -21.63 27.38 -8.89
C ASN A 129 -21.22 26.44 -10.01
N SER A 130 -19.91 26.30 -10.23
CA SER A 130 -19.39 25.51 -11.33
C SER A 130 -18.89 24.17 -10.83
N GLY A 131 -19.43 23.08 -11.37
CA GLY A 131 -19.05 21.77 -10.89
C GLY A 131 -17.70 21.34 -11.44
N TYR A 132 -17.06 20.42 -10.72
CA TYR A 132 -15.76 19.88 -11.09
C TYR A 132 -15.75 18.39 -10.76
N VAL A 133 -15.23 17.59 -11.67
CA VAL A 133 -15.28 16.14 -11.55
C VAL A 133 -13.86 15.61 -11.52
N VAL A 134 -13.51 14.92 -10.44
CA VAL A 134 -12.14 14.53 -10.20
C VAL A 134 -11.79 13.34 -11.11
N GLN A 135 -10.49 13.10 -11.30
CA GLN A 135 -10.04 12.00 -12.16
C GLN A 135 -10.41 10.65 -11.59
N ASP A 136 -9.90 10.33 -10.40
CA ASP A 136 -10.35 9.17 -9.66
C ASP A 136 -11.64 9.55 -8.94
N ASP A 137 -12.62 8.65 -8.96
CA ASP A 137 -13.94 8.98 -8.44
C ASP A 137 -13.91 9.09 -6.92
N VAL A 138 -14.55 10.14 -6.41
CA VAL A 138 -14.63 10.38 -4.98
C VAL A 138 -16.01 10.02 -4.43
N VAL A 139 -16.75 9.16 -5.13
CA VAL A 139 -18.05 8.74 -4.64
C VAL A 139 -17.88 7.82 -3.45
N MET A 140 -18.90 7.80 -2.58
CA MET A 140 -18.90 6.89 -1.45
C MET A 140 -19.19 5.47 -1.92
N GLY A 141 -18.25 4.58 -1.67
CA GLY A 141 -18.37 3.23 -2.19
C GLY A 141 -19.44 2.42 -1.46
N THR A 142 -19.70 2.74 -0.20
CA THR A 142 -20.64 1.96 0.59
C THR A 142 -22.05 2.51 0.47
N LEU A 143 -22.19 3.80 0.20
CA LEU A 143 -23.51 4.36 -0.01
C LEU A 143 -24.01 4.04 -1.40
N THR A 144 -25.31 4.13 -1.59
CA THR A 144 -25.90 3.85 -2.89
C THR A 144 -25.90 5.09 -3.76
N VAL A 145 -26.39 4.93 -4.99
CA VAL A 145 -26.30 6.01 -5.98
C VAL A 145 -27.31 7.12 -5.66
N ARG A 146 -28.47 6.75 -5.14
CA ARG A 146 -29.45 7.77 -4.77
C ARG A 146 -29.04 8.52 -3.51
N GLU A 147 -28.34 7.88 -2.58
CA GLU A 147 -28.00 8.57 -1.34
C GLU A 147 -26.79 9.49 -1.51
N ASN A 148 -25.93 9.21 -2.49
CA ASN A 148 -24.88 10.17 -2.84
C ASN A 148 -25.48 11.46 -3.39
N LEU A 149 -26.47 11.32 -4.27
CA LEU A 149 -27.14 12.50 -4.81
C LEU A 149 -27.98 13.19 -3.74
N GLN A 150 -28.52 12.42 -2.78
CA GLN A 150 -29.22 13.00 -1.65
C GLN A 150 -28.28 13.83 -0.79
N PHE A 151 -27.07 13.33 -0.54
CA PHE A 151 -26.03 14.05 0.19
C PHE A 151 -25.65 15.34 -0.52
N SER A 152 -25.40 15.25 -1.83
CA SER A 152 -24.99 16.44 -2.58
C SER A 152 -26.12 17.45 -2.69
N ALA A 153 -27.36 16.98 -2.77
CA ALA A 153 -28.50 17.91 -2.83
C ALA A 153 -28.77 18.51 -1.46
N ALA A 154 -28.39 17.82 -0.40
CA ALA A 154 -28.60 18.36 0.94
C ALA A 154 -27.58 19.44 1.25
N LEU A 155 -26.35 19.27 0.78
CA LEU A 155 -25.32 20.25 1.16
C LEU A 155 -25.15 21.37 0.14
N ARG A 156 -25.29 21.08 -1.16
CA ARG A 156 -25.05 22.13 -2.13
C ARG A 156 -26.24 23.06 -2.28
N LEU A 157 -27.45 22.52 -2.31
CA LEU A 157 -28.62 23.35 -2.51
C LEU A 157 -29.00 24.04 -1.20
N ALA A 158 -30.00 24.92 -1.29
CA ALA A 158 -30.35 25.77 -0.17
C ALA A 158 -31.15 25.01 0.89
N THR A 159 -31.31 25.65 2.05
CA THR A 159 -32.16 25.08 3.09
C THR A 159 -33.62 25.43 2.87
N THR A 160 -33.88 26.35 1.93
CA THR A 160 -35.25 26.82 1.70
C THR A 160 -36.07 25.77 0.96
N MET A 161 -35.42 24.99 0.09
CA MET A 161 -36.14 24.13 -0.84
C MET A 161 -36.78 22.94 -0.13
N THR A 162 -37.90 22.49 -0.69
CA THR A 162 -38.64 21.36 -0.17
C THR A 162 -37.86 20.07 -0.45
N ASN A 163 -38.02 19.08 0.43
CA ASN A 163 -37.48 17.75 0.19
C ASN A 163 -38.06 17.13 -1.07
N HIS A 164 -39.31 17.46 -1.39
CA HIS A 164 -39.92 17.02 -2.64
C HIS A 164 -39.22 17.63 -3.84
N GLU A 165 -38.84 18.91 -3.74
CA GLU A 165 -38.15 19.58 -4.84
C GLU A 165 -36.76 18.98 -5.06
N LYS A 166 -36.05 18.69 -3.98
CA LYS A 166 -34.73 18.08 -4.10
C LYS A 166 -34.82 16.66 -4.62
N ASN A 167 -35.86 15.92 -4.22
CA ASN A 167 -36.04 14.56 -4.71
C ASN A 167 -36.40 14.55 -6.20
N GLU A 168 -37.20 15.53 -6.64
CA GLU A 168 -37.50 15.63 -8.06
C GLU A 168 -36.27 16.05 -8.86
N ARG A 169 -35.41 16.89 -8.27
CA ARG A 169 -34.17 17.27 -8.91
C ARG A 169 -33.24 16.06 -9.06
N ILE A 170 -33.15 15.23 -8.02
CA ILE A 170 -32.34 14.02 -8.06
C ILE A 170 -32.89 13.04 -9.08
N ASN A 171 -34.22 12.95 -9.18
CA ASN A 171 -34.84 12.07 -10.17
C ASN A 171 -34.58 12.55 -11.59
N ARG A 172 -34.58 13.87 -11.79
CA ARG A 172 -34.27 14.44 -13.10
C ARG A 172 -32.81 14.19 -13.49
N VAL A 173 -31.90 14.39 -12.53
CA VAL A 173 -30.48 14.18 -12.80
C VAL A 173 -30.17 12.71 -13.07
N ILE A 174 -30.78 11.81 -12.28
CA ILE A 174 -30.56 10.38 -12.50
C ILE A 174 -31.32 9.87 -13.71
N GLN A 175 -32.28 10.64 -14.22
CA GLN A 175 -32.89 10.30 -15.51
C GLN A 175 -31.99 10.73 -16.66
N GLU A 176 -31.30 11.87 -16.51
CA GLU A 176 -30.45 12.36 -17.59
C GLU A 176 -29.20 11.50 -17.77
N LEU A 177 -28.81 10.77 -16.73
CA LEU A 177 -27.59 9.97 -16.76
C LEU A 177 -27.79 8.57 -17.27
N GLY A 178 -29.01 8.03 -17.18
CA GLY A 178 -29.20 6.63 -17.50
C GLY A 178 -28.82 5.70 -16.37
N LEU A 179 -28.90 6.19 -15.13
CA LEU A 179 -28.66 5.38 -13.95
C LEU A 179 -29.96 4.91 -13.31
N ASP A 180 -31.05 4.87 -14.07
CA ASP A 180 -32.34 4.54 -13.49
C ASP A 180 -32.44 3.04 -13.20
N LYS A 181 -31.67 2.22 -13.92
CA LYS A 181 -31.69 0.79 -13.69
C LYS A 181 -30.96 0.44 -12.40
N VAL A 182 -30.02 1.29 -11.99
CA VAL A 182 -29.17 1.01 -10.84
C VAL A 182 -29.29 2.12 -9.78
N ALA A 183 -30.42 2.83 -9.78
CA ALA A 183 -30.71 3.98 -8.93
C ALA A 183 -30.62 3.70 -7.44
N ASP A 184 -30.82 2.46 -7.02
CA ASP A 184 -30.79 2.12 -5.60
C ASP A 184 -29.86 0.96 -5.27
N SER A 185 -28.80 0.75 -6.05
CA SER A 185 -27.81 -0.24 -5.68
C SER A 185 -26.54 0.44 -5.17
N LYS A 186 -25.75 -0.32 -4.41
CA LYS A 186 -24.57 0.25 -3.78
C LYS A 186 -23.46 0.43 -4.80
N VAL A 187 -22.62 1.45 -4.58
CA VAL A 187 -21.61 1.82 -5.58
C VAL A 187 -20.46 0.83 -5.57
N GLY A 188 -20.01 0.43 -4.39
CA GLY A 188 -19.13 -0.72 -4.41
C GLY A 188 -17.79 -0.45 -3.77
N THR A 189 -17.28 -1.45 -3.05
CA THR A 189 -15.99 -1.42 -2.39
C THR A 189 -15.32 -2.77 -2.60
N GLN A 190 -14.31 -3.05 -1.77
CA GLN A 190 -13.64 -4.35 -1.84
C GLN A 190 -14.54 -5.48 -1.34
N PHE A 191 -15.22 -5.29 -0.21
CA PHE A 191 -15.94 -6.40 0.40
C PHE A 191 -17.26 -6.69 -0.32
N ILE A 192 -17.98 -5.66 -0.74
CA ILE A 192 -19.24 -5.84 -1.44
C ILE A 192 -19.03 -5.59 -2.93
N ARG A 193 -19.67 -6.40 -3.77
CA ARG A 193 -19.67 -6.13 -5.19
C ARG A 193 -20.62 -4.98 -5.48
N GLY A 194 -20.30 -4.20 -6.50
CA GLY A 194 -21.09 -3.01 -6.74
C GLY A 194 -21.32 -2.68 -8.20
N VAL A 195 -21.59 -1.40 -8.46
CA VAL A 195 -21.90 -0.94 -9.80
C VAL A 195 -20.62 -0.85 -10.61
N SER A 196 -20.75 -0.88 -11.94
CA SER A 196 -19.59 -0.87 -12.83
C SER A 196 -18.92 0.51 -12.83
N GLY A 197 -17.73 0.56 -13.43
CA GLY A 197 -16.89 1.74 -13.32
C GLY A 197 -17.41 2.94 -14.10
N GLY A 198 -18.00 2.68 -15.28
CA GLY A 198 -18.59 3.77 -16.04
C GLY A 198 -19.81 4.36 -15.36
N GLU A 199 -20.53 3.55 -14.60
CA GLU A 199 -21.68 4.09 -13.90
C GLU A 199 -21.27 4.72 -12.58
N ARG A 200 -20.12 4.33 -12.03
CA ARG A 200 -19.48 5.13 -10.99
C ARG A 200 -19.10 6.51 -11.51
N LYS A 201 -18.57 6.57 -12.73
CA LYS A 201 -18.21 7.86 -13.32
C LYS A 201 -19.44 8.70 -13.61
N ARG A 202 -20.52 8.07 -14.03
CA ARG A 202 -21.78 8.79 -14.23
C ARG A 202 -22.34 9.29 -12.90
N THR A 203 -22.13 8.54 -11.82
CA THR A 203 -22.53 9.01 -10.50
C THR A 203 -21.68 10.21 -10.07
N SER A 204 -20.39 10.18 -10.37
CA SER A 204 -19.51 11.28 -10.01
C SER A 204 -19.84 12.54 -10.79
N ILE A 205 -20.30 12.38 -12.04
CA ILE A 205 -20.79 13.53 -12.80
C ILE A 205 -22.12 14.02 -12.24
N GLY A 206 -22.98 13.08 -11.83
CA GLY A 206 -24.30 13.46 -11.36
C GLY A 206 -24.29 14.12 -10.00
N MET A 207 -23.24 13.89 -9.22
CA MET A 207 -23.10 14.59 -7.95
C MET A 207 -22.88 16.08 -8.15
N GLU A 208 -22.22 16.46 -9.24
CA GLU A 208 -21.97 17.87 -9.51
C GLU A 208 -23.03 18.44 -10.43
N LEU A 209 -23.85 17.58 -11.04
CA LEU A 209 -24.98 18.08 -11.82
C LEU A 209 -26.17 18.53 -10.98
N ILE A 210 -26.10 18.41 -9.65
CA ILE A 210 -27.28 18.70 -8.82
C ILE A 210 -27.53 20.20 -8.75
N THR A 211 -26.48 20.99 -8.58
CA THR A 211 -26.60 22.43 -8.42
C THR A 211 -26.89 23.16 -9.73
N ASP A 212 -27.07 22.42 -10.83
CA ASP A 212 -27.24 22.95 -12.18
C ASP A 212 -26.11 23.92 -12.57
N PRO A 213 -24.91 23.42 -12.84
CA PRO A 213 -23.78 24.32 -13.09
C PRO A 213 -23.86 24.91 -14.49
N SER A 214 -23.48 26.18 -14.59
CA SER A 214 -23.38 26.81 -15.91
C SER A 214 -22.15 26.30 -16.65
N ILE A 215 -21.04 26.14 -15.94
CA ILE A 215 -19.80 25.63 -16.49
C ILE A 215 -19.48 24.33 -15.78
N LEU A 216 -19.15 23.29 -16.54
CA LEU A 216 -18.88 21.97 -15.98
C LEU A 216 -17.51 21.52 -16.41
N PHE A 217 -16.59 21.39 -15.45
CA PHE A 217 -15.23 20.96 -15.71
C PHE A 217 -15.12 19.46 -15.51
N LEU A 218 -14.13 18.84 -16.14
CA LEU A 218 -13.92 17.40 -16.03
C LEU A 218 -12.46 17.06 -16.21
N ASP A 219 -11.83 16.61 -15.12
CA ASP A 219 -10.46 16.13 -15.15
C ASP A 219 -10.48 14.67 -15.53
N GLU A 220 -10.02 14.36 -16.75
CA GLU A 220 -9.77 13.03 -17.29
C GLU A 220 -10.99 12.09 -17.24
N PRO A 221 -12.05 12.33 -18.01
CA PRO A 221 -13.21 11.44 -17.90
C PRO A 221 -13.05 10.12 -18.63
N THR A 222 -11.99 9.97 -19.42
CA THR A 222 -11.83 8.75 -20.20
C THR A 222 -10.95 7.73 -19.50
N THR A 223 -9.92 8.19 -18.79
CA THR A 223 -8.89 7.27 -18.33
C THR A 223 -9.38 6.43 -17.17
N GLY A 224 -8.72 5.30 -16.95
CA GLY A 224 -9.18 4.30 -16.01
C GLY A 224 -10.33 3.45 -16.49
N LEU A 225 -10.79 3.65 -17.72
CA LEU A 225 -11.95 2.97 -18.26
C LEU A 225 -11.58 2.20 -19.51
N ASP A 226 -12.47 1.31 -19.92
CA ASP A 226 -12.31 0.62 -21.20
C ASP A 226 -12.86 1.48 -22.34
N SER A 227 -12.81 0.93 -23.55
CA SER A 227 -13.04 1.76 -24.74
C SER A 227 -14.51 2.11 -24.92
N SER A 228 -15.39 1.10 -24.95
CA SER A 228 -16.81 1.34 -25.17
C SER A 228 -17.44 2.09 -24.01
N THR A 229 -16.91 1.87 -22.80
CA THR A 229 -17.30 2.65 -21.63
C THR A 229 -16.98 4.13 -21.81
N ALA A 230 -15.78 4.43 -22.30
CA ALA A 230 -15.37 5.81 -22.54
C ALA A 230 -16.21 6.46 -23.64
N ASN A 231 -16.52 5.70 -24.69
CA ASN A 231 -17.38 6.22 -25.75
C ASN A 231 -18.78 6.51 -25.23
N ALA A 232 -19.30 5.67 -24.33
CA ALA A 232 -20.63 5.90 -23.76
C ALA A 232 -20.64 7.14 -22.89
N VAL A 233 -19.58 7.33 -22.08
CA VAL A 233 -19.47 8.52 -21.23
C VAL A 233 -19.39 9.79 -22.08
N LEU A 234 -18.63 9.73 -23.17
CA LEU A 234 -18.47 10.93 -23.99
C LEU A 234 -19.71 11.23 -24.83
N LEU A 235 -20.47 10.20 -25.22
CA LEU A 235 -21.75 10.45 -25.87
C LEU A 235 -22.75 11.06 -24.90
N LEU A 236 -22.70 10.64 -23.63
CA LEU A 236 -23.48 11.29 -22.59
C LEU A 236 -23.09 12.75 -22.43
N LEU A 237 -21.79 13.04 -22.50
CA LEU A 237 -21.32 14.42 -22.39
C LEU A 237 -21.77 15.26 -23.57
N LYS A 238 -21.80 14.67 -24.76
CA LYS A 238 -22.28 15.40 -25.93
C LYS A 238 -23.78 15.68 -25.81
N ARG A 239 -24.54 14.72 -25.28
CA ARG A 239 -25.97 14.93 -25.04
C ARG A 239 -26.20 16.00 -23.99
N MET A 240 -25.27 16.13 -23.03
CA MET A 240 -25.36 17.25 -22.08
C MET A 240 -25.03 18.56 -22.76
N SER A 241 -24.03 18.57 -23.64
CA SER A 241 -23.54 19.82 -24.21
C SER A 241 -24.49 20.37 -25.27
N LYS A 242 -25.34 19.51 -25.83
CA LYS A 242 -26.33 20.00 -26.79
C LYS A 242 -27.40 20.86 -26.12
N GLN A 243 -27.60 20.71 -24.82
CA GLN A 243 -28.56 21.53 -24.08
C GLN A 243 -28.12 22.99 -23.97
N GLY A 244 -26.81 23.25 -23.93
CA GLY A 244 -26.30 24.60 -23.72
C GLY A 244 -25.33 24.70 -22.57
N ARG A 245 -25.00 23.59 -21.92
CA ARG A 245 -24.05 23.59 -20.82
C ARG A 245 -22.63 23.53 -21.36
N THR A 246 -21.76 24.36 -20.80
CA THR A 246 -20.41 24.53 -21.31
C THR A 246 -19.50 23.53 -20.62
N ILE A 247 -19.11 22.48 -21.32
CA ILE A 247 -18.30 21.41 -20.76
C ILE A 247 -16.86 21.67 -21.15
N ILE A 248 -15.96 21.65 -20.17
CA ILE A 248 -14.53 21.84 -20.38
C ILE A 248 -13.83 20.64 -19.78
N PHE A 249 -13.04 19.93 -20.58
CA PHE A 249 -12.43 18.74 -20.02
C PHE A 249 -11.04 18.50 -20.56
N SER A 250 -10.21 17.86 -19.75
CA SER A 250 -8.90 17.41 -20.20
C SER A 250 -8.96 15.91 -20.38
N ILE A 251 -8.22 15.39 -21.34
CA ILE A 251 -8.16 13.95 -21.61
C ILE A 251 -6.74 13.54 -21.94
N HIS A 252 -6.59 12.26 -22.29
CA HIS A 252 -5.29 11.65 -22.49
C HIS A 252 -5.40 10.62 -23.60
N GLN A 253 -4.73 10.89 -24.73
CA GLN A 253 -4.68 10.08 -25.95
C GLN A 253 -6.02 9.46 -26.41
N PRO A 254 -6.91 10.27 -26.97
CA PRO A 254 -8.25 9.77 -27.30
C PRO A 254 -8.27 9.02 -28.62
N ARG A 255 -9.43 8.41 -28.90
CA ARG A 255 -9.68 7.77 -30.19
C ARG A 255 -10.28 8.78 -31.16
N TYR A 256 -10.37 8.40 -32.43
CA TYR A 256 -10.95 9.31 -33.41
C TYR A 256 -12.47 9.35 -33.28
N SER A 257 -13.08 8.26 -32.81
CA SER A 257 -14.51 8.27 -32.50
C SER A 257 -14.80 9.22 -31.33
N ILE A 258 -13.82 9.39 -30.44
CA ILE A 258 -13.89 10.47 -29.46
C ILE A 258 -13.66 11.81 -30.12
N PHE A 259 -12.62 11.90 -30.96
CA PHE A 259 -12.10 13.19 -31.42
C PHE A 259 -13.06 13.87 -32.40
N LYS A 260 -13.96 13.10 -33.03
CA LYS A 260 -14.89 13.70 -33.97
C LYS A 260 -15.99 14.48 -33.26
N LEU A 261 -16.13 14.28 -31.94
CA LEU A 261 -17.25 14.88 -31.22
C LEU A 261 -16.93 16.28 -30.71
N PHE A 262 -15.68 16.71 -30.81
CA PHE A 262 -15.25 17.92 -30.09
C PHE A 262 -15.75 19.17 -30.80
N ASP A 263 -16.07 20.19 -30.00
CA ASP A 263 -16.44 21.47 -30.57
C ASP A 263 -15.26 22.43 -30.60
N SER A 264 -14.45 22.45 -29.55
CA SER A 264 -13.26 23.28 -29.54
C SER A 264 -12.10 22.51 -28.91
N LEU A 265 -10.89 22.83 -29.35
CA LEU A 265 -9.69 22.09 -28.98
C LEU A 265 -8.65 23.05 -28.41
N THR A 266 -7.89 22.59 -27.44
CA THR A 266 -6.77 23.34 -26.89
C THR A 266 -5.63 22.38 -26.60
N LEU A 267 -4.57 22.46 -27.38
CA LEU A 267 -3.42 21.59 -27.24
C LEU A 267 -2.37 22.30 -26.41
N LEU A 268 -1.76 21.59 -25.47
CA LEU A 268 -0.74 22.15 -24.60
C LEU A 268 0.48 21.25 -24.60
N ALA A 269 1.66 21.83 -24.45
CA ALA A 269 2.90 21.06 -24.38
C ALA A 269 3.94 21.84 -23.61
N SER A 270 4.45 21.24 -22.54
CA SER A 270 5.53 21.77 -21.68
C SER A 270 5.22 23.17 -21.15
N GLY A 271 3.94 23.42 -20.92
CA GLY A 271 3.51 24.71 -20.43
C GLY A 271 3.24 25.75 -21.48
N ARG A 272 3.27 25.39 -22.76
CA ARG A 272 3.03 26.36 -23.81
C ARG A 272 1.87 25.92 -24.68
N LEU A 273 1.09 26.91 -25.13
CA LEU A 273 -0.06 26.67 -25.98
C LEU A 273 0.41 26.27 -27.36
N MET A 274 -0.15 25.19 -27.89
CA MET A 274 0.25 24.73 -29.22
C MET A 274 -0.82 25.04 -30.26
N PHE A 275 -2.08 24.84 -29.89
CA PHE A 275 -3.19 25.15 -30.79
C PHE A 275 -4.38 25.57 -29.95
N HIS A 276 -5.19 26.46 -30.50
CA HIS A 276 -6.54 26.70 -29.98
C HIS A 276 -7.44 27.15 -31.12
N GLY A 277 -8.50 26.40 -31.36
CA GLY A 277 -9.45 26.71 -32.38
C GLY A 277 -10.50 25.62 -32.41
N PRO A 278 -11.33 25.60 -33.45
CA PRO A 278 -12.24 24.45 -33.64
C PRO A 278 -11.45 23.19 -33.93
N ALA A 279 -12.00 22.05 -33.50
CA ALA A 279 -11.23 20.82 -33.50
C ALA A 279 -11.11 20.23 -34.90
N GLN A 280 -12.08 20.52 -35.77
CA GLN A 280 -11.98 20.08 -37.16
C GLN A 280 -10.87 20.83 -37.89
N GLU A 281 -10.60 22.08 -37.48
CA GLU A 281 -9.66 22.92 -38.19
C GLU A 281 -8.22 22.57 -37.85
N ALA A 282 -8.01 21.75 -36.83
CA ALA A 282 -6.67 21.57 -36.25
C ALA A 282 -5.76 20.77 -37.18
N LEU A 283 -6.29 19.69 -37.76
CA LEU A 283 -5.52 18.90 -38.70
C LEU A 283 -5.21 19.66 -39.98
N GLY A 284 -6.15 20.48 -40.47
CA GLY A 284 -5.86 21.33 -41.62
C GLY A 284 -4.81 22.39 -41.30
N TYR A 285 -4.83 22.91 -40.07
CA TYR A 285 -3.83 23.88 -39.65
C TYR A 285 -2.45 23.24 -39.57
N PHE A 286 -2.37 22.00 -39.09
CA PHE A 286 -1.07 21.36 -39.02
C PHE A 286 -0.62 20.81 -40.38
N GLU A 287 -1.54 20.61 -41.32
CA GLU A 287 -1.13 20.40 -42.71
C GLU A 287 -0.55 21.69 -43.30
N SER A 288 -1.15 22.83 -42.95
CA SER A 288 -0.63 24.11 -43.42
C SER A 288 0.69 24.47 -42.74
N ALA A 289 0.95 23.89 -41.57
CA ALA A 289 2.22 24.14 -40.89
C ALA A 289 3.36 23.41 -41.59
N GLY A 290 3.06 22.32 -42.28
CA GLY A 290 4.06 21.56 -43.02
C GLY A 290 4.28 20.15 -42.52
N TYR A 291 3.44 19.62 -41.65
CA TYR A 291 3.59 18.27 -41.13
C TYR A 291 2.60 17.36 -41.84
N HIS A 292 3.12 16.37 -42.58
CA HIS A 292 2.27 15.48 -43.35
C HIS A 292 1.64 14.44 -42.46
N CYS A 293 0.32 14.29 -42.58
CA CYS A 293 -0.43 13.27 -41.86
C CYS A 293 -0.54 12.05 -42.77
N GLU A 294 -0.26 10.88 -42.21
CA GLU A 294 -0.38 9.65 -42.98
C GLU A 294 -1.80 9.10 -42.89
N ALA A 295 -2.13 8.23 -43.82
CA ALA A 295 -3.43 7.60 -43.83
C ALA A 295 -3.55 6.57 -42.71
N TYR A 296 -4.79 6.34 -42.27
CA TYR A 296 -5.14 5.43 -41.17
C TYR A 296 -4.39 5.77 -39.88
N ASN A 297 -4.39 7.05 -39.51
CA ASN A 297 -3.72 7.52 -38.32
C ASN A 297 -4.67 8.40 -37.53
N ASN A 298 -4.69 8.22 -36.22
CA ASN A 298 -5.54 9.02 -35.35
C ASN A 298 -4.99 10.45 -35.29
N PRO A 299 -5.81 11.47 -35.59
CA PRO A 299 -5.29 12.85 -35.58
C PRO A 299 -4.81 13.34 -34.23
N ALA A 300 -5.41 12.88 -33.12
CA ALA A 300 -4.91 13.27 -31.81
C ALA A 300 -3.56 12.62 -31.52
N ASP A 301 -3.38 11.37 -31.97
CA ASP A 301 -2.07 10.72 -31.88
C ASP A 301 -1.07 11.42 -32.79
N PHE A 302 -1.54 11.97 -33.91
CA PHE A 302 -0.67 12.77 -34.77
C PHE A 302 -0.29 14.07 -34.08
N PHE A 303 -1.20 14.64 -33.28
CA PHE A 303 -0.91 15.87 -32.56
C PHE A 303 0.14 15.64 -31.50
N LEU A 304 0.04 14.52 -30.78
CA LEU A 304 1.08 14.16 -29.81
C LEU A 304 2.37 13.75 -30.49
N ASP A 305 2.30 13.20 -31.71
CA ASP A 305 3.51 12.80 -32.41
C ASP A 305 4.27 14.00 -32.95
N ILE A 306 3.56 15.10 -33.23
CA ILE A 306 4.23 16.36 -33.52
C ILE A 306 5.03 16.84 -32.32
N ILE A 307 4.45 16.70 -31.12
CA ILE A 307 5.10 17.15 -29.89
C ILE A 307 6.32 16.29 -29.58
N ASN A 308 6.19 14.98 -29.74
CA ASN A 308 7.24 14.07 -29.29
C ASN A 308 8.44 14.09 -30.23
N GLY A 309 8.27 14.61 -31.44
CA GLY A 309 9.35 14.70 -32.40
C GLY A 309 9.55 13.49 -33.27
N ASP A 310 8.45 12.91 -33.78
CA ASP A 310 8.45 11.71 -34.64
C ASP A 310 9.18 10.51 -34.01
N LEU A 337 12.37 22.54 -30.10
CA LEU A 337 11.23 22.22 -30.95
C LEU A 337 9.96 22.93 -30.51
N ILE A 338 9.72 22.92 -29.20
CA ILE A 338 8.48 23.47 -28.67
C ILE A 338 8.50 24.99 -28.76
N GLU A 339 9.67 25.60 -28.52
CA GLU A 339 9.79 27.03 -28.78
C GLU A 339 9.72 27.35 -30.27
N LYS A 340 10.12 26.42 -31.14
CA LYS A 340 9.95 26.62 -32.56
C LYS A 340 8.50 26.49 -32.98
N LEU A 341 7.79 25.50 -32.43
CA LEU A 341 6.42 25.22 -32.81
C LEU A 341 5.39 26.13 -32.16
N ALA A 342 5.72 26.74 -31.02
CA ALA A 342 4.78 27.67 -30.40
C ALA A 342 4.70 28.97 -31.15
N GLU A 343 5.82 29.43 -31.73
CA GLU A 343 5.84 30.65 -32.51
C GLU A 343 5.11 30.51 -33.84
N ILE A 344 4.94 29.28 -34.34
CA ILE A 344 4.16 29.06 -35.54
C ILE A 344 2.69 29.35 -35.27
N TYR A 345 2.22 29.06 -34.05
CA TYR A 345 0.85 29.40 -33.71
C TYR A 345 0.67 30.90 -33.51
N VAL A 346 1.74 31.61 -33.18
CA VAL A 346 1.67 33.07 -33.07
C VAL A 346 1.43 33.70 -34.44
N ASN A 347 1.89 33.06 -35.51
CA ASN A 347 1.68 33.55 -36.86
C ASN A 347 0.49 32.90 -37.55
N SER A 348 -0.57 32.59 -36.81
CA SER A 348 -1.73 31.92 -37.35
C SER A 348 -2.84 32.91 -37.67
N SER A 349 -3.89 32.40 -38.32
CA SER A 349 -5.15 33.09 -38.47
C SER A 349 -6.11 32.81 -37.33
N PHE A 350 -5.86 31.74 -36.57
CA PHE A 350 -6.67 31.37 -35.41
C PHE A 350 -6.24 32.11 -34.15
N TYR A 351 -5.10 32.79 -34.19
CA TYR A 351 -4.52 33.50 -33.06
C TYR A 351 -4.88 34.98 -33.10
N LYS A 352 -4.80 35.58 -34.28
CA LYS A 352 -5.24 36.97 -34.43
C LYS A 352 -6.74 37.11 -34.23
N GLU A 353 -7.52 36.12 -34.68
CA GLU A 353 -8.95 36.13 -34.43
C GLU A 353 -9.26 35.96 -32.94
N THR A 354 -8.45 35.15 -32.26
CA THR A 354 -8.63 34.93 -30.83
C THR A 354 -8.31 36.20 -30.04
N LYS A 355 -7.24 36.91 -30.43
CA LYS A 355 -6.96 38.20 -29.80
C LYS A 355 -8.01 39.24 -30.14
N ALA A 356 -8.53 39.22 -31.38
CA ALA A 356 -9.58 40.13 -31.77
C ALA A 356 -10.89 39.90 -31.04
N GLU A 357 -11.15 38.68 -30.60
CA GLU A 357 -12.27 38.41 -29.72
C GLU A 357 -11.99 38.72 -28.26
N LEU A 358 -10.77 38.45 -27.78
CA LEU A 358 -10.44 38.66 -26.38
C LEU A 358 -10.32 40.15 -26.03
N HIS A 359 -9.69 40.95 -26.88
CA HIS A 359 -9.61 42.37 -26.61
C HIS A 359 -10.95 43.08 -26.83
N GLN A 360 -11.90 42.44 -27.51
CA GLN A 360 -13.26 42.96 -27.54
C GLN A 360 -13.96 42.79 -26.19
N LEU A 361 -13.80 41.62 -25.56
CA LEU A 361 -14.46 41.34 -24.29
C LEU A 361 -13.79 42.03 -23.12
N SER A 362 -12.46 42.11 -23.11
CA SER A 362 -11.75 42.74 -22.01
C SER A 362 -11.88 44.26 -22.06
N GLY A 363 -11.44 44.87 -23.15
CA GLY A 363 -11.51 46.31 -23.29
C GLY A 363 -12.84 46.80 -23.82
N TYR A 378 -22.15 29.66 5.49
CA TYR A 378 -22.14 29.49 4.04
C TYR A 378 -23.56 29.52 3.50
N THR A 379 -23.83 28.63 2.54
CA THR A 379 -25.20 28.44 2.06
C THR A 379 -26.08 27.85 3.15
N THR A 380 -25.61 26.82 3.84
CA THR A 380 -26.37 26.11 4.85
C THR A 380 -25.81 26.42 6.23
N SER A 381 -26.57 26.04 7.25
CA SER A 381 -26.17 26.32 8.63
C SER A 381 -25.14 25.30 9.11
N PHE A 382 -24.68 25.48 10.35
CA PHE A 382 -23.64 24.60 10.88
C PHE A 382 -24.20 23.25 11.27
N CYS A 383 -25.33 23.23 11.99
CA CYS A 383 -25.91 21.97 12.46
C CYS A 383 -26.41 21.13 11.30
N HIS A 384 -26.79 21.77 10.20
CA HIS A 384 -27.18 21.06 8.98
C HIS A 384 -26.00 20.30 8.40
N GLN A 385 -24.85 20.95 8.28
CA GLN A 385 -23.65 20.31 7.76
C GLN A 385 -23.15 19.22 8.69
N LEU A 386 -23.21 19.47 10.00
CA LEU A 386 -22.77 18.45 10.95
C LEU A 386 -23.68 17.24 10.93
N ARG A 387 -24.99 17.45 10.77
CA ARG A 387 -25.94 16.35 10.71
C ARG A 387 -25.74 15.51 9.46
N TRP A 388 -25.56 16.15 8.30
CA TRP A 388 -25.42 15.36 7.07
C TRP A 388 -24.07 14.68 6.97
N VAL A 389 -22.99 15.33 7.47
CA VAL A 389 -21.68 14.68 7.44
C VAL A 389 -21.64 13.51 8.42
N SER A 390 -22.22 13.68 9.61
CA SER A 390 -22.27 12.58 10.57
C SER A 390 -23.15 11.44 10.08
N LYS A 391 -24.24 11.77 9.37
CA LYS A 391 -25.12 10.74 8.83
C LYS A 391 -24.43 9.94 7.73
N ARG A 392 -23.71 10.63 6.83
CA ARG A 392 -22.98 9.93 5.78
C ARG A 392 -21.87 9.06 6.36
N SER A 393 -21.16 9.56 7.36
CA SER A 393 -20.04 8.79 7.90
C SER A 393 -20.53 7.60 8.72
N PHE A 394 -21.68 7.74 9.40
CA PHE A 394 -22.24 6.60 10.13
C PHE A 394 -22.80 5.56 9.18
N LYS A 395 -23.37 6.01 8.05
CA LYS A 395 -23.84 5.05 7.06
C LYS A 395 -22.67 4.36 6.36
N ASN A 396 -21.53 5.05 6.27
CA ASN A 396 -20.31 4.41 5.80
C ASN A 396 -19.79 3.40 6.83
N LEU A 397 -19.98 3.70 8.11
CA LEU A 397 -19.53 2.79 9.16
C LEU A 397 -20.36 1.52 9.19
N LEU A 398 -21.67 1.65 8.94
CA LEU A 398 -22.51 0.45 8.83
C LEU A 398 -22.25 -0.29 7.53
N GLY A 399 -22.11 0.44 6.42
CA GLY A 399 -21.99 -0.22 5.12
C GLY A 399 -20.62 -0.82 4.87
N ASN A 400 -19.63 -0.44 5.67
CA ASN A 400 -18.35 -1.12 5.69
C ASN A 400 -18.36 -2.08 6.87
N PRO A 401 -18.65 -3.36 6.64
CA PRO A 401 -18.89 -4.26 7.78
C PRO A 401 -17.64 -4.68 8.51
N GLN A 402 -16.56 -5.03 7.80
CA GLN A 402 -15.52 -5.84 8.42
C GLN A 402 -14.63 -5.04 9.35
N ALA A 403 -14.30 -3.80 8.99
CA ALA A 403 -13.37 -3.03 9.80
C ALA A 403 -14.04 -2.50 11.08
N SER A 404 -15.36 -2.59 11.15
CA SER A 404 -16.07 -2.19 12.37
C SER A 404 -16.49 -3.41 13.20
N ILE A 405 -16.85 -4.51 12.53
CA ILE A 405 -17.29 -5.70 13.25
C ILE A 405 -16.10 -6.47 13.81
N ALA A 406 -14.99 -6.52 13.05
CA ALA A 406 -13.86 -7.35 13.45
C ALA A 406 -13.14 -6.79 14.67
N GLN A 407 -13.22 -5.47 14.88
CA GLN A 407 -12.67 -4.91 16.10
C GLN A 407 -13.45 -5.35 17.33
N ILE A 408 -14.78 -5.42 17.21
CA ILE A 408 -15.61 -5.90 18.30
C ILE A 408 -15.40 -7.40 18.53
N ILE A 409 -15.21 -8.15 17.45
CA ILE A 409 -14.98 -9.60 17.57
C ILE A 409 -13.64 -9.88 18.25
N VAL A 410 -12.60 -9.16 17.87
CA VAL A 410 -11.29 -9.35 18.48
C VAL A 410 -11.28 -8.83 19.92
N THR A 411 -12.09 -7.81 20.20
CA THR A 411 -12.25 -7.33 21.58
C THR A 411 -12.93 -8.37 22.46
N VAL A 412 -13.99 -9.02 21.95
CA VAL A 412 -14.67 -10.08 22.71
C VAL A 412 -13.74 -11.28 22.92
N VAL A 413 -13.01 -11.67 21.87
CA VAL A 413 -12.12 -12.84 21.97
C VAL A 413 -10.97 -12.57 22.94
N LEU A 414 -10.37 -11.39 22.86
CA LEU A 414 -9.27 -11.07 23.76
C LEU A 414 -9.75 -10.83 25.18
N GLY A 415 -10.98 -10.34 25.36
CA GLY A 415 -11.55 -10.26 26.70
C GLY A 415 -11.79 -11.62 27.31
N LEU A 416 -12.26 -12.58 26.51
CA LEU A 416 -12.43 -13.94 27.02
C LEU A 416 -11.09 -14.60 27.31
N VAL A 417 -10.06 -14.30 26.52
CA VAL A 417 -8.74 -14.89 26.75
C VAL A 417 -8.13 -14.33 28.04
N ILE A 418 -8.26 -13.03 28.27
CA ILE A 418 -7.74 -12.42 29.50
C ILE A 418 -8.59 -12.84 30.70
N GLY A 419 -9.87 -13.13 30.50
CA GLY A 419 -10.66 -13.69 31.58
C GLY A 419 -10.32 -15.14 31.86
N ALA A 420 -9.77 -15.84 30.88
CA ALA A 420 -9.41 -17.24 31.08
C ALA A 420 -8.03 -17.38 31.70
N ILE A 421 -7.10 -16.49 31.36
CA ILE A 421 -5.74 -16.59 31.89
C ILE A 421 -5.69 -16.12 33.33
N TYR A 422 -6.26 -14.95 33.61
CA TYR A 422 -6.20 -14.33 34.92
C TYR A 422 -7.39 -14.68 35.78
N PHE A 423 -7.95 -15.88 35.61
CA PHE A 423 -9.21 -16.21 36.26
C PHE A 423 -9.02 -16.40 37.75
N GLY A 424 -9.84 -15.68 38.54
CA GLY A 424 -9.82 -15.81 39.98
C GLY A 424 -8.54 -15.29 40.61
N LEU A 425 -8.35 -13.98 40.61
CA LEU A 425 -7.13 -13.39 41.15
C LEU A 425 -7.09 -13.56 42.66
N LYS A 426 -6.07 -14.27 43.14
CA LYS A 426 -5.95 -14.58 44.54
C LYS A 426 -5.28 -13.43 45.28
N ASN A 427 -5.26 -13.53 46.61
CA ASN A 427 -4.61 -12.55 47.48
C ASN A 427 -3.44 -13.26 48.16
N ASP A 428 -2.31 -13.30 47.46
CA ASP A 428 -1.08 -13.90 47.97
C ASP A 428 0.08 -13.16 47.34
N SER A 429 1.25 -13.81 47.31
CA SER A 429 2.44 -13.17 46.76
C SER A 429 2.35 -13.02 45.24
N THR A 430 1.45 -13.76 44.59
CA THR A 430 1.29 -13.63 43.15
C THR A 430 0.24 -12.58 42.81
N GLY A 431 -0.47 -12.06 43.81
CA GLY A 431 -1.57 -11.16 43.55
C GLY A 431 -1.13 -9.82 43.01
N ILE A 432 -0.02 -9.29 43.54
CA ILE A 432 0.55 -8.04 43.04
C ILE A 432 0.94 -8.17 41.57
N GLN A 433 1.62 -9.26 41.23
CA GLN A 433 2.10 -9.45 39.88
C GLN A 433 0.94 -9.65 38.90
N ASN A 434 -0.07 -10.44 39.28
CA ASN A 434 -1.18 -10.67 38.39
C ASN A 434 -2.03 -9.42 38.18
N ARG A 435 -2.30 -8.67 39.25
CA ARG A 435 -3.14 -7.49 39.10
C ARG A 435 -2.43 -6.39 38.32
N ALA A 436 -1.15 -6.13 38.64
CA ALA A 436 -0.40 -5.14 37.89
C ALA A 436 -0.21 -5.54 36.43
N GLY A 437 -0.04 -6.84 36.18
CA GLY A 437 0.12 -7.29 34.81
C GLY A 437 -1.16 -7.14 33.99
N VAL A 438 -2.31 -7.47 34.58
CA VAL A 438 -3.54 -7.40 33.78
C VAL A 438 -3.96 -5.95 33.57
N LEU A 439 -3.67 -5.06 34.53
CA LEU A 439 -4.02 -3.66 34.33
C LEU A 439 -3.10 -3.01 33.30
N PHE A 440 -1.82 -3.42 33.28
CA PHE A 440 -0.92 -2.94 32.25
C PHE A 440 -1.31 -3.44 30.87
N PHE A 441 -1.75 -4.70 30.79
CA PHE A 441 -2.19 -5.24 29.51
C PHE A 441 -3.42 -4.51 28.99
N LEU A 442 -4.37 -4.19 29.87
CA LEU A 442 -5.58 -3.52 29.43
C LEU A 442 -5.31 -2.10 28.93
N THR A 443 -4.46 -1.35 29.65
CA THR A 443 -4.20 0.03 29.21
C THR A 443 -3.38 0.07 27.92
N THR A 444 -2.33 -0.75 27.81
CA THR A 444 -1.54 -0.70 26.59
C THR A 444 -2.28 -1.36 25.43
N ASN A 445 -3.25 -2.21 25.72
CA ASN A 445 -4.15 -2.71 24.70
C ASN A 445 -5.04 -1.61 24.14
N GLN A 446 -5.58 -0.76 25.03
CA GLN A 446 -6.37 0.39 24.56
C GLN A 446 -5.55 1.31 23.70
N CYS A 447 -4.30 1.58 24.12
CA CYS A 447 -3.43 2.47 23.35
C CYS A 447 -3.09 1.89 21.98
N PHE A 448 -2.68 0.63 21.91
CA PHE A 448 -2.31 0.09 20.60
C PHE A 448 -3.52 -0.25 19.73
N SER A 449 -4.68 -0.46 20.33
CA SER A 449 -5.85 -0.67 19.48
C SER A 449 -6.39 0.65 18.97
N SER A 450 -5.96 1.77 19.56
CA SER A 450 -6.31 3.07 18.99
C SER A 450 -5.35 3.53 17.91
N VAL A 451 -4.60 2.64 17.27
CA VAL A 451 -3.78 3.02 16.12
C VAL A 451 -4.60 2.97 14.85
N SER A 452 -5.70 2.20 14.88
CA SER A 452 -6.53 2.05 13.68
C SER A 452 -7.42 3.25 13.41
N ALA A 453 -7.26 4.35 14.16
CA ALA A 453 -7.92 5.60 13.81
C ALA A 453 -6.99 6.55 13.10
N VAL A 454 -5.79 6.10 12.73
CA VAL A 454 -4.98 6.84 11.77
C VAL A 454 -5.67 6.88 10.42
N GLU A 455 -6.31 5.76 10.05
CA GLU A 455 -7.06 5.53 8.82
C GLU A 455 -8.14 6.58 8.52
N LEU A 456 -8.66 7.20 9.58
CA LEU A 456 -9.89 7.98 9.50
C LEU A 456 -9.74 9.22 8.63
N PHE A 457 -8.83 10.12 8.98
CA PHE A 457 -8.63 11.33 8.20
C PHE A 457 -7.69 11.16 7.03
N VAL A 458 -7.21 9.94 6.78
CA VAL A 458 -6.25 9.73 5.70
C VAL A 458 -6.93 9.09 4.50
N VAL A 459 -7.87 8.16 4.73
CA VAL A 459 -8.61 7.55 3.64
C VAL A 459 -9.53 8.57 2.97
N GLU A 460 -10.15 9.43 3.77
CA GLU A 460 -11.10 10.41 3.28
C GLU A 460 -10.46 11.75 2.97
N LYS A 461 -9.18 11.76 2.56
CA LYS A 461 -8.46 13.02 2.45
C LYS A 461 -8.79 13.76 1.17
N LYS A 462 -8.79 13.05 0.03
CA LYS A 462 -9.07 13.69 -1.25
C LYS A 462 -10.53 14.07 -1.35
N LEU A 463 -11.41 13.28 -0.74
CA LEU A 463 -12.82 13.64 -0.68
C LEU A 463 -13.04 14.87 0.18
N PHE A 464 -12.28 15.00 1.27
CA PHE A 464 -12.36 16.20 2.09
C PHE A 464 -11.89 17.43 1.33
N ILE A 465 -10.78 17.32 0.59
CA ILE A 465 -10.28 18.47 -0.16
C ILE A 465 -11.26 18.88 -1.25
N HIS A 466 -11.80 17.90 -2.00
CA HIS A 466 -12.73 18.21 -3.08
C HIS A 466 -14.04 18.78 -2.56
N GLU A 467 -14.54 18.25 -1.46
CA GLU A 467 -15.80 18.76 -0.95
C GLU A 467 -15.65 20.04 -0.14
N TYR A 468 -14.44 20.37 0.31
CA TYR A 468 -14.26 21.67 0.94
C TYR A 468 -14.09 22.75 -0.11
N ILE A 469 -13.39 22.46 -1.21
CA ILE A 469 -13.26 23.46 -2.25
C ILE A 469 -14.60 23.68 -2.95
N SER A 470 -15.34 22.59 -3.22
CA SER A 470 -16.64 22.73 -3.85
C SER A 470 -17.67 23.33 -2.90
N GLY A 471 -17.36 23.38 -1.60
CA GLY A 471 -18.15 24.15 -0.68
C GLY A 471 -19.33 23.44 -0.08
N TYR A 472 -19.18 22.18 0.33
CA TYR A 472 -20.30 21.52 0.99
C TYR A 472 -20.35 21.92 2.46
N TYR A 473 -19.19 22.03 3.09
CA TYR A 473 -19.10 22.18 4.53
C TYR A 473 -17.88 22.99 4.92
N ARG A 474 -17.93 23.54 6.13
CA ARG A 474 -16.74 24.11 6.77
C ARG A 474 -15.82 22.98 7.22
N VAL A 475 -14.64 23.36 7.72
CA VAL A 475 -13.75 22.35 8.27
C VAL A 475 -14.25 21.92 9.66
N SER A 476 -14.86 22.86 10.39
CA SER A 476 -15.33 22.56 11.73
C SER A 476 -16.45 21.55 11.74
N SER A 477 -17.38 21.66 10.80
CA SER A 477 -18.48 20.71 10.72
C SER A 477 -18.04 19.35 10.25
N TYR A 478 -17.13 19.26 9.29
CA TYR A 478 -16.52 17.99 8.88
C TYR A 478 -15.83 17.32 10.05
N PHE A 479 -15.05 18.10 10.80
CA PHE A 479 -14.28 17.56 11.90
C PHE A 479 -15.18 17.05 13.01
N LEU A 480 -16.14 17.87 13.45
CA LEU A 480 -17.00 17.45 14.55
C LEU A 480 -17.96 16.35 14.13
N GLY A 481 -18.39 16.33 12.87
CA GLY A 481 -19.23 15.25 12.41
C GLY A 481 -18.50 13.94 12.33
N LYS A 482 -17.26 13.95 11.85
CA LYS A 482 -16.53 12.71 11.76
C LYS A 482 -15.95 12.28 13.11
N LEU A 483 -15.86 13.18 14.09
CA LEU A 483 -15.59 12.69 15.45
C LEU A 483 -16.84 12.09 16.08
N LEU A 484 -17.99 12.71 15.86
CA LEU A 484 -19.23 12.23 16.45
C LEU A 484 -19.69 10.93 15.80
N SER A 485 -19.22 10.65 14.60
CA SER A 485 -19.68 9.47 13.86
C SER A 485 -18.77 8.26 13.99
N ASP A 486 -17.47 8.41 13.71
CA ASP A 486 -16.57 7.26 13.65
C ASP A 486 -15.72 7.10 14.90
N LEU A 487 -15.46 8.20 15.61
CA LEU A 487 -14.59 8.12 16.78
C LEU A 487 -15.37 7.74 18.04
N LEU A 488 -16.56 8.31 18.22
CA LEU A 488 -17.27 8.14 19.48
C LEU A 488 -17.79 6.72 19.71
N PRO A 489 -18.60 6.10 18.83
CA PRO A 489 -19.14 4.77 19.19
C PRO A 489 -18.13 3.64 19.08
N MET A 490 -17.18 3.70 18.15
CA MET A 490 -16.18 2.67 18.00
C MET A 490 -15.06 2.76 19.03
N ARG A 491 -15.13 3.72 19.94
CA ARG A 491 -14.29 3.70 21.12
C ARG A 491 -15.10 3.62 22.41
N MET A 492 -16.41 3.88 22.36
CA MET A 492 -17.25 3.53 23.49
C MET A 492 -17.46 2.03 23.61
N LEU A 493 -17.70 1.34 22.49
CA LEU A 493 -18.07 -0.08 22.58
C LEU A 493 -16.95 -1.00 23.05
N PRO A 494 -15.69 -0.94 22.54
CA PRO A 494 -14.69 -1.91 23.03
C PRO A 494 -14.31 -1.77 24.49
N SER A 495 -14.31 -0.55 25.05
CA SER A 495 -13.94 -0.41 26.46
C SER A 495 -15.03 -0.95 27.39
N ILE A 496 -16.30 -0.75 27.01
CA ILE A 496 -17.42 -1.34 27.74
C ILE A 496 -17.34 -2.86 27.68
N ILE A 497 -17.00 -3.40 26.51
CA ILE A 497 -16.90 -4.86 26.38
C ILE A 497 -15.74 -5.43 27.20
N PHE A 498 -14.57 -4.76 27.19
CA PHE A 498 -13.45 -5.19 28.02
C PHE A 498 -13.78 -5.16 29.49
N THR A 499 -14.40 -4.09 29.97
CA THR A 499 -14.67 -3.99 31.40
C THR A 499 -15.72 -5.00 31.83
N CYS A 500 -16.79 -5.17 31.04
CA CYS A 500 -17.85 -6.08 31.41
C CYS A 500 -17.41 -7.54 31.31
N ILE A 501 -16.41 -7.85 30.47
CA ILE A 501 -15.94 -9.22 30.42
C ILE A 501 -14.86 -9.48 31.48
N VAL A 502 -13.75 -8.75 31.44
CA VAL A 502 -12.62 -9.10 32.29
C VAL A 502 -12.80 -8.62 33.72
N TYR A 503 -13.86 -7.90 34.03
CA TYR A 503 -14.02 -7.51 35.42
C TYR A 503 -14.46 -8.68 36.29
N PHE A 504 -15.60 -9.29 36.00
CA PHE A 504 -16.16 -10.29 36.90
C PHE A 504 -15.52 -11.67 36.76
N MET A 505 -14.85 -11.96 35.65
CA MET A 505 -14.12 -13.21 35.53
C MET A 505 -12.85 -13.18 36.37
N LEU A 506 -12.16 -12.05 36.37
CA LEU A 506 -10.96 -11.90 37.20
C LEU A 506 -11.30 -11.80 38.67
N GLY A 507 -12.40 -11.14 39.01
CA GLY A 507 -12.69 -10.90 40.40
C GLY A 507 -11.82 -9.78 40.94
N LEU A 508 -11.99 -8.59 40.37
CA LEU A 508 -11.37 -7.38 40.88
C LEU A 508 -12.18 -6.86 42.06
N LYS A 509 -11.93 -5.61 42.46
CA LYS A 509 -12.53 -5.00 43.66
C LYS A 509 -14.05 -4.95 43.57
N PRO A 510 -14.76 -5.79 44.34
CA PRO A 510 -16.20 -6.02 44.10
C PRO A 510 -17.07 -4.92 44.67
N LYS A 511 -17.01 -3.74 44.04
CA LYS A 511 -17.82 -2.60 44.43
C LYS A 511 -18.66 -2.19 43.23
N ALA A 512 -19.51 -1.18 43.43
CA ALA A 512 -20.31 -0.67 42.33
C ALA A 512 -19.55 0.39 41.55
N ASP A 513 -18.88 1.31 42.26
CA ASP A 513 -18.24 2.44 41.60
C ASP A 513 -16.87 2.12 41.05
N ALA A 514 -16.19 1.10 41.56
CA ALA A 514 -14.88 0.73 41.02
C ALA A 514 -15.00 0.19 39.61
N PHE A 515 -16.10 -0.51 39.34
CA PHE A 515 -16.42 -0.97 37.99
C PHE A 515 -16.59 0.21 37.04
N PHE A 516 -17.28 1.26 37.48
CA PHE A 516 -17.52 2.40 36.60
C PHE A 516 -16.27 3.24 36.44
N VAL A 517 -15.42 3.32 37.47
CA VAL A 517 -14.15 4.03 37.34
C VAL A 517 -13.22 3.29 36.39
N MET A 518 -13.25 1.96 36.42
CA MET A 518 -12.43 1.18 35.49
C MET A 518 -12.93 1.33 34.06
N MET A 519 -14.24 1.28 33.85
CA MET A 519 -14.82 1.48 32.53
C MET A 519 -14.52 2.88 31.99
N PHE A 520 -14.63 3.89 32.86
CA PHE A 520 -14.38 5.25 32.43
C PHE A 520 -12.91 5.50 32.15
N THR A 521 -12.02 4.85 32.90
CA THR A 521 -10.59 5.02 32.67
C THR A 521 -10.17 4.36 31.36
N LEU A 522 -10.72 3.18 31.06
CA LEU A 522 -10.41 2.55 29.78
C LEU A 522 -10.99 3.36 28.61
N MET A 523 -12.17 3.96 28.81
CA MET A 523 -12.75 4.80 27.76
C MET A 523 -11.91 6.06 27.53
N MET A 524 -11.40 6.65 28.61
CA MET A 524 -10.60 7.87 28.46
C MET A 524 -9.23 7.59 27.86
N VAL A 525 -8.61 6.46 28.20
CA VAL A 525 -7.32 6.16 27.59
C VAL A 525 -7.49 5.78 26.12
N ALA A 526 -8.65 5.20 25.77
CA ALA A 526 -8.95 4.95 24.36
C ALA A 526 -9.12 6.24 23.59
N TYR A 527 -9.90 7.18 24.13
CA TYR A 527 -10.08 8.48 23.50
C TYR A 527 -8.78 9.26 23.39
N SER A 528 -7.92 9.19 24.41
CA SER A 528 -6.71 9.99 24.39
C SER A 528 -5.68 9.44 23.42
N ALA A 529 -5.52 8.11 23.37
CA ALA A 529 -4.61 7.52 22.38
C ALA A 529 -5.13 7.72 20.97
N SER A 530 -6.45 7.65 20.78
CA SER A 530 -6.98 7.84 19.44
C SER A 530 -6.95 9.30 19.04
N SER A 531 -7.02 10.22 20.01
CA SER A 531 -6.89 11.63 19.71
C SER A 531 -5.46 11.99 19.35
N MET A 532 -4.48 11.30 19.94
CA MET A 532 -3.11 11.48 19.48
C MET A 532 -2.93 10.90 18.07
N ALA A 533 -3.64 9.82 17.77
CA ALA A 533 -3.62 9.26 16.42
C ALA A 533 -4.18 10.25 15.41
N LEU A 534 -5.26 10.94 15.77
CA LEU A 534 -5.83 11.93 14.86
C LEU A 534 -4.94 13.16 14.78
N ALA A 535 -4.21 13.48 15.84
CA ALA A 535 -3.35 14.66 15.81
C ALA A 535 -2.13 14.41 14.92
N ILE A 536 -1.63 13.18 14.91
CA ILE A 536 -0.48 12.87 14.06
C ILE A 536 -0.92 12.59 12.62
N ALA A 537 -2.12 12.02 12.46
CA ALA A 537 -2.50 11.44 11.19
C ALA A 537 -3.20 12.44 10.28
N ALA A 538 -3.77 13.50 10.82
CA ALA A 538 -4.60 14.39 10.02
C ALA A 538 -3.76 15.21 9.05
N GLY A 539 -4.25 15.35 7.83
CA GLY A 539 -3.56 16.14 6.84
C GLY A 539 -2.42 15.45 6.14
N GLN A 540 -2.35 14.12 6.22
CA GLN A 540 -1.34 13.35 5.51
C GLN A 540 -2.02 12.46 4.47
N SER A 541 -1.22 11.89 3.57
CA SER A 541 -1.80 11.12 2.48
C SER A 541 -1.52 9.62 2.63
N VAL A 542 -0.44 9.25 3.29
CA VAL A 542 -0.05 7.86 3.48
C VAL A 542 -0.41 7.43 4.89
N VAL A 543 -0.56 6.11 5.09
CA VAL A 543 -0.97 5.59 6.38
C VAL A 543 0.24 5.08 7.15
N SER A 544 1.27 4.62 6.42
CA SER A 544 2.33 3.81 7.02
C SER A 544 3.24 4.63 7.93
N VAL A 545 3.58 5.85 7.51
CA VAL A 545 4.48 6.67 8.31
C VAL A 545 3.79 7.14 9.59
N ALA A 546 2.50 7.48 9.49
CA ALA A 546 1.76 7.90 10.68
C ALA A 546 1.54 6.75 11.64
N THR A 547 1.23 5.55 11.12
CA THR A 547 1.09 4.37 11.96
C THR A 547 2.39 4.01 12.67
N LEU A 548 3.51 4.09 11.94
CA LEU A 548 4.81 3.82 12.54
C LEU A 548 5.16 4.83 13.62
N LEU A 549 4.85 6.10 13.39
CA LEU A 549 5.14 7.13 14.38
C LEU A 549 4.26 6.98 15.62
N MET A 550 3.01 6.55 15.44
CA MET A 550 2.15 6.22 16.58
C MET A 550 2.74 5.09 17.42
N THR A 551 3.28 4.08 16.75
CA THR A 551 3.82 2.94 17.49
C THR A 551 5.11 3.31 18.21
N ILE A 552 5.94 4.17 17.61
CA ILE A 552 7.15 4.67 18.28
C ILE A 552 6.79 5.47 19.53
N CYS A 553 5.80 6.38 19.41
CA CYS A 553 5.36 7.15 20.57
C CYS A 553 4.81 6.25 21.67
N PHE A 554 4.11 5.17 21.30
CA PHE A 554 3.55 4.30 22.33
C PHE A 554 4.62 3.46 23.01
N VAL A 555 5.67 3.04 22.30
CA VAL A 555 6.69 2.25 22.98
C VAL A 555 7.61 3.15 23.80
N PHE A 556 7.59 4.46 23.53
CA PHE A 556 8.30 5.36 24.45
C PHE A 556 7.40 5.82 25.59
N MET A 557 6.09 5.59 25.48
CA MET A 557 5.20 5.90 26.61
C MET A 557 5.09 4.73 27.58
N MET A 558 5.15 3.49 27.08
CA MET A 558 4.92 2.35 27.95
C MET A 558 6.11 2.08 28.86
N ILE A 559 7.28 2.63 28.56
CA ILE A 559 8.38 2.55 29.50
C ILE A 559 8.05 3.39 30.74
N PHE A 560 7.54 4.59 30.53
CA PHE A 560 7.18 5.48 31.62
C PHE A 560 5.79 5.21 32.17
N SER A 561 5.13 4.15 31.72
CA SER A 561 3.85 3.74 32.31
C SER A 561 3.97 3.42 33.80
N GLY A 562 4.97 2.66 34.20
CA GLY A 562 5.22 2.40 35.60
C GLY A 562 5.37 0.94 35.98
N LEU A 563 5.05 0.01 35.09
CA LEU A 563 5.26 -1.40 35.42
C LEU A 563 6.70 -1.81 35.15
N LEU A 564 7.27 -1.36 34.04
CA LEU A 564 8.62 -1.78 33.67
C LEU A 564 9.67 -1.14 34.56
N VAL A 565 9.70 0.19 34.59
CA VAL A 565 10.61 0.94 35.45
C VAL A 565 9.80 1.45 36.62
N ASN A 566 10.43 1.59 37.77
CA ASN A 566 9.78 2.28 38.86
C ASN A 566 10.02 3.78 38.70
N LEU A 567 8.95 4.56 38.80
CA LEU A 567 9.00 5.95 38.37
C LEU A 567 9.83 6.82 39.32
N THR A 568 10.00 6.38 40.56
CA THR A 568 10.79 7.15 41.50
C THR A 568 12.28 6.95 41.26
N THR A 569 12.65 5.83 40.65
CA THR A 569 14.08 5.54 40.45
C THR A 569 14.61 6.10 39.15
N ILE A 570 13.77 6.76 38.35
CA ILE A 570 14.27 7.47 37.18
C ILE A 570 14.98 8.73 37.65
N ALA A 571 16.10 9.05 37.01
CA ALA A 571 16.82 10.28 37.30
C ALA A 571 15.95 11.51 37.05
N SER A 572 16.23 12.57 37.80
CA SER A 572 15.28 13.69 37.85
C SER A 572 15.37 14.56 36.61
N TRP A 573 16.44 14.42 35.83
CA TRP A 573 16.54 15.18 34.58
C TRP A 573 15.81 14.47 33.45
N LEU A 574 15.28 13.27 33.72
CA LEU A 574 14.58 12.47 32.74
C LEU A 574 13.23 12.01 33.24
N SER A 575 12.93 12.22 34.53
CA SER A 575 11.65 11.78 35.08
C SER A 575 10.53 12.75 34.75
N TRP A 576 10.82 13.84 34.04
CA TRP A 576 9.77 14.76 33.62
C TRP A 576 9.05 14.28 32.37
N LEU A 577 9.57 13.23 31.71
CA LEU A 577 8.91 12.70 30.53
C LEU A 577 7.74 11.79 30.89
N GLN A 578 7.54 11.52 32.17
CA GLN A 578 6.46 10.63 32.56
C GLN A 578 5.11 11.31 32.52
N TYR A 579 5.09 12.62 32.27
CA TYR A 579 3.82 13.34 32.24
C TYR A 579 3.23 13.36 30.84
N PHE A 580 4.04 13.01 29.84
CA PHE A 580 3.57 13.02 28.47
C PHE A 580 2.92 11.71 28.07
N SER A 581 2.89 10.71 28.95
CA SER A 581 2.55 9.36 28.55
C SER A 581 1.15 8.99 29.02
N ILE A 582 0.28 8.70 28.07
CA ILE A 582 -1.11 8.26 28.25
C ILE A 582 -1.24 6.92 29.00
N PRO A 583 -0.43 5.86 28.74
CA PRO A 583 -0.59 4.66 29.57
C PRO A 583 -0.23 4.87 31.02
N ARG A 584 0.62 5.85 31.36
CA ARG A 584 0.92 6.12 32.75
C ARG A 584 -0.30 6.64 33.49
N TYR A 585 -1.09 7.50 32.84
CA TYR A 585 -2.27 8.03 33.48
C TYR A 585 -3.36 6.98 33.59
N GLY A 586 -3.59 6.22 32.52
CA GLY A 586 -4.59 5.17 32.59
C GLY A 586 -4.23 4.07 33.58
N PHE A 587 -2.98 3.64 33.59
CA PHE A 587 -2.50 2.58 34.45
C PHE A 587 -2.39 3.02 35.90
N THR A 588 -2.00 4.27 36.16
CA THR A 588 -1.99 4.79 37.53
C THR A 588 -3.40 4.92 38.07
N ALA A 589 -4.35 5.33 37.23
CA ALA A 589 -5.73 5.42 37.67
C ALA A 589 -6.31 4.05 37.97
N LEU A 590 -5.97 3.04 37.17
CA LEU A 590 -6.49 1.70 37.44
C LEU A 590 -5.84 1.07 38.66
N GLN A 591 -4.53 1.28 38.86
CA GLN A 591 -3.87 0.78 40.06
C GLN A 591 -4.41 1.46 41.32
N HIS A 592 -4.65 2.76 41.27
CA HIS A 592 -5.21 3.43 42.43
C HIS A 592 -6.66 3.03 42.65
N ASN A 593 -7.36 2.68 41.57
CA ASN A 593 -8.72 2.19 41.70
C ASN A 593 -8.76 0.84 42.39
N GLU A 594 -7.81 -0.03 42.09
CA GLU A 594 -7.99 -1.41 42.48
C GLU A 594 -7.16 -1.83 43.69
N PHE A 595 -6.06 -1.14 44.01
CA PHE A 595 -5.16 -1.61 45.05
C PHE A 595 -5.44 -1.05 46.44
N LEU A 596 -6.61 -0.45 46.70
CA LEU A 596 -6.79 0.21 47.98
C LEU A 596 -7.14 -0.78 49.09
N GLY A 597 -8.29 -1.41 49.01
CA GLY A 597 -8.77 -2.25 50.10
C GLY A 597 -8.23 -3.66 50.12
N GLN A 598 -7.15 -3.94 49.41
CA GLN A 598 -6.68 -5.31 49.29
C GLN A 598 -5.54 -5.59 50.27
N ASN A 599 -5.49 -6.83 50.77
CA ASN A 599 -4.39 -7.34 51.56
C ASN A 599 -3.80 -8.52 50.83
N PHE A 600 -2.47 -8.62 50.80
CA PHE A 600 -1.77 -9.62 50.01
C PHE A 600 -0.86 -10.51 50.84
N CYS A 601 -1.15 -10.65 52.13
CA CYS A 601 -0.45 -11.59 52.98
C CYS A 601 -1.47 -12.35 53.82
N PRO A 602 -1.77 -13.60 53.47
CA PRO A 602 -2.86 -14.32 54.15
C PRO A 602 -2.43 -14.89 55.49
N GLY A 603 -3.33 -14.84 56.48
CA GLY A 603 -3.03 -15.34 57.81
C GLY A 603 -1.95 -14.56 58.53
N LEU A 604 -1.88 -13.26 58.30
CA LEU A 604 -0.71 -12.49 58.72
C LEU A 604 -0.80 -12.09 60.18
N ASN A 605 -1.84 -11.30 60.52
CA ASN A 605 -2.19 -10.70 61.82
C ASN A 605 -0.99 -10.28 62.68
N ALA A 606 -0.07 -9.54 62.05
CA ALA A 606 1.17 -9.00 62.61
C ALA A 606 2.06 -10.09 63.21
N THR A 607 2.47 -11.07 62.40
CA THR A 607 3.38 -12.09 62.89
C THR A 607 4.80 -11.57 63.01
N GLY A 608 5.31 -10.95 61.95
CA GLY A 608 6.68 -10.48 61.94
C GLY A 608 6.87 -9.01 62.24
N ASN A 609 6.00 -8.47 63.11
CA ASN A 609 6.12 -7.11 63.67
C ASN A 609 6.11 -6.05 62.57
N ASN A 610 4.93 -5.89 61.92
CA ASN A 610 4.74 -5.04 60.73
C ASN A 610 5.74 -5.47 59.67
N PRO A 611 5.41 -6.50 58.88
CA PRO A 611 6.31 -7.63 58.63
C PRO A 611 7.66 -7.32 58.01
N CYS A 612 8.60 -6.95 58.87
CA CYS A 612 10.04 -7.06 58.67
C CYS A 612 10.53 -6.18 57.53
N ASN A 613 9.81 -5.09 57.24
CA ASN A 613 10.21 -3.92 56.46
C ASN A 613 10.40 -4.23 54.97
N TYR A 614 10.24 -5.48 54.53
CA TYR A 614 10.43 -5.82 53.13
C TYR A 614 9.30 -6.68 52.60
N ALA A 615 8.08 -6.49 53.10
CA ALA A 615 7.02 -7.45 52.84
C ALA A 615 6.19 -7.08 51.63
N THR A 616 5.77 -5.81 51.56
CA THR A 616 4.71 -5.32 50.65
C THR A 616 3.45 -6.18 50.82
N CYS A 617 2.84 -6.08 52.01
CA CYS A 617 1.65 -6.87 52.30
C CYS A 617 0.37 -6.14 51.92
N THR A 618 0.13 -4.96 52.49
CA THR A 618 -1.10 -4.26 52.17
C THR A 618 -0.97 -3.59 50.81
N GLY A 619 -2.10 -3.23 50.22
CA GLY A 619 -2.08 -2.64 48.90
C GLY A 619 -1.56 -1.22 48.90
N GLU A 620 -1.78 -0.50 50.00
CA GLU A 620 -1.28 0.87 50.10
C GLU A 620 0.25 0.89 50.14
N GLU A 621 0.86 -0.15 50.71
CA GLU A 621 2.33 -0.17 50.78
C GLU A 621 2.93 -0.42 49.41
N TYR A 622 2.24 -1.16 48.55
CA TYR A 622 2.65 -1.24 47.15
C TYR A 622 2.39 0.06 46.43
N LEU A 623 1.26 0.69 46.71
CA LEU A 623 0.82 1.83 45.91
C LEU A 623 1.59 3.09 46.27
N VAL A 624 2.23 3.10 47.44
CA VAL A 624 3.08 4.23 47.81
C VAL A 624 4.43 4.14 47.09
N LYS A 625 5.08 2.97 47.16
CA LYS A 625 6.42 2.83 46.62
C LYS A 625 6.47 2.81 45.10
N GLN A 626 5.32 2.79 44.43
CA GLN A 626 5.29 3.08 43.00
C GLN A 626 5.31 4.57 42.71
N GLY A 627 5.07 5.40 43.71
CA GLY A 627 4.97 6.83 43.50
C GLY A 627 3.57 7.33 43.28
N ILE A 628 2.56 6.62 43.77
CA ILE A 628 1.18 6.99 43.51
C ILE A 628 0.55 7.53 44.78
N ASP A 629 -0.16 8.65 44.66
CA ASP A 629 -0.82 9.27 45.80
C ASP A 629 -1.96 8.39 46.30
N LEU A 630 -2.31 8.53 47.58
CA LEU A 630 -3.39 7.72 48.14
C LEU A 630 -4.69 8.49 48.24
N SER A 631 -4.63 9.81 48.15
CA SER A 631 -5.81 10.65 48.19
C SER A 631 -6.62 10.47 46.90
N PRO A 632 -7.93 10.78 46.91
CA PRO A 632 -8.70 10.61 45.66
C PRO A 632 -8.34 11.61 44.56
N TRP A 633 -7.62 12.68 44.89
CA TRP A 633 -7.05 13.50 43.83
C TRP A 633 -5.96 12.73 43.08
N GLY A 634 -5.29 11.79 43.77
CA GLY A 634 -4.36 10.91 43.09
C GLY A 634 -5.03 9.96 42.12
N LEU A 635 -6.34 9.77 42.25
CA LEU A 635 -7.10 9.10 41.20
C LEU A 635 -7.50 10.05 40.10
N TRP A 636 -8.14 11.17 40.44
CA TRP A 636 -8.86 11.91 39.41
C TRP A 636 -7.95 12.87 38.65
N LYS A 637 -6.71 13.09 39.13
CA LYS A 637 -5.82 13.93 38.34
C LYS A 637 -5.36 13.22 37.08
N ASN A 638 -5.39 11.88 37.07
CA ASN A 638 -5.11 11.14 35.87
C ASN A 638 -6.22 11.34 34.84
N HIS A 639 -7.48 11.37 35.28
CA HIS A 639 -8.57 11.59 34.34
C HIS A 639 -8.60 13.00 33.82
N VAL A 640 -8.23 13.99 34.65
CA VAL A 640 -8.22 15.35 34.12
C VAL A 640 -7.01 15.57 33.21
N ALA A 641 -5.93 14.81 33.43
CA ALA A 641 -4.81 14.88 32.50
C ALA A 641 -5.15 14.24 31.17
N LEU A 642 -5.92 13.14 31.20
CA LEU A 642 -6.38 12.53 29.96
C LEU A 642 -7.35 13.43 29.21
N ALA A 643 -8.23 14.13 29.94
CA ALA A 643 -9.15 15.06 29.30
C ALA A 643 -8.42 16.24 28.68
N CYS A 644 -7.37 16.74 29.33
CA CYS A 644 -6.59 17.82 28.75
C CYS A 644 -5.81 17.34 27.53
N MET A 645 -5.36 16.08 27.52
CA MET A 645 -4.66 15.59 26.34
C MET A 645 -5.63 15.34 25.18
N ILE A 646 -6.87 14.94 25.48
CA ILE A 646 -7.90 14.86 24.45
C ILE A 646 -8.16 16.21 23.82
N VAL A 647 -8.29 17.26 24.65
CA VAL A 647 -8.59 18.60 24.14
C VAL A 647 -7.42 19.14 23.32
N ILE A 648 -6.18 18.95 23.79
CA ILE A 648 -5.01 19.44 23.06
C ILE A 648 -4.82 18.69 21.75
N PHE A 649 -4.99 17.37 21.77
CA PHE A 649 -4.76 16.59 20.56
C PHE A 649 -5.84 16.80 19.51
N LEU A 650 -7.09 16.97 19.94
CA LEU A 650 -8.13 17.28 18.97
C LEU A 650 -7.99 18.70 18.43
N THR A 651 -7.47 19.62 19.23
CA THR A 651 -7.23 20.97 18.72
C THR A 651 -6.09 20.98 17.71
N ILE A 652 -5.04 20.18 17.95
CA ILE A 652 -3.94 20.09 16.99
C ILE A 652 -4.41 19.41 15.71
N ALA A 653 -5.27 18.40 15.81
CA ALA A 653 -5.84 17.75 14.63
C ALA A 653 -6.71 18.72 13.83
N TYR A 654 -7.49 19.55 14.53
CA TYR A 654 -8.32 20.54 13.86
C TYR A 654 -7.48 21.60 13.16
N LEU A 655 -6.37 22.02 13.79
CA LEU A 655 -5.54 23.03 13.15
C LEU A 655 -4.76 22.44 11.98
N LYS A 656 -4.45 21.15 12.02
CA LYS A 656 -3.77 20.54 10.87
C LYS A 656 -4.75 20.30 9.73
N LEU A 657 -6.04 20.14 10.03
CA LEU A 657 -7.01 20.12 8.94
C LEU A 657 -7.28 21.51 8.40
N LEU A 658 -7.31 22.51 9.29
CA LEU A 658 -7.70 23.86 8.87
C LEU A 658 -6.59 24.55 8.10
N PHE A 659 -5.34 24.36 8.51
CA PHE A 659 -4.21 24.98 7.82
C PHE A 659 -3.63 24.10 6.73
N LEU A 660 -4.41 23.17 6.20
CA LEU A 660 -3.93 22.30 5.12
C LEU A 660 -3.89 23.08 3.81
N LYS A 661 -2.94 22.72 2.95
CA LYS A 661 -2.93 23.29 1.61
C LYS A 661 -4.02 22.63 0.77
N LYS A 662 -5.13 23.34 0.60
CA LYS A 662 -6.29 22.78 -0.08
C LYS A 662 -6.15 22.77 -1.59
N TYR A 663 -5.23 23.54 -2.14
CA TYR A 663 -5.11 23.65 -3.58
C TYR A 663 -4.10 22.66 -4.15
N GLY B 43 15.28 -19.62 -38.52
CA GLY B 43 14.78 -19.40 -37.18
C GLY B 43 13.75 -20.43 -36.76
N ALA B 44 13.20 -20.26 -35.56
CA ALA B 44 12.24 -21.21 -35.04
C ALA B 44 10.84 -20.92 -35.55
N VAL B 45 10.05 -21.97 -35.76
CA VAL B 45 8.67 -21.80 -36.18
C VAL B 45 7.77 -22.39 -35.11
N LEU B 46 7.26 -21.53 -34.24
CA LEU B 46 6.32 -21.99 -33.22
C LEU B 46 4.94 -22.14 -33.84
N SER B 47 4.44 -23.38 -33.85
CA SER B 47 3.18 -23.70 -34.52
C SER B 47 2.26 -24.40 -33.53
N PHE B 48 1.34 -23.62 -32.95
CA PHE B 48 0.37 -24.17 -32.02
C PHE B 48 -0.93 -24.50 -32.73
N HIS B 49 -1.53 -25.61 -32.34
CA HIS B 49 -2.71 -26.15 -33.02
C HIS B 49 -3.72 -26.63 -31.98
N ASN B 50 -4.96 -26.14 -32.10
CA ASN B 50 -6.13 -26.63 -31.36
C ASN B 50 -5.94 -26.50 -29.85
N ILE B 51 -5.49 -25.32 -29.41
CA ILE B 51 -5.35 -25.08 -27.99
C ILE B 51 -6.72 -24.87 -27.36
N CYS B 52 -7.05 -25.73 -26.40
CA CYS B 52 -8.17 -25.52 -25.51
C CYS B 52 -7.58 -25.37 -24.13
N TYR B 53 -8.04 -24.39 -23.36
CA TYR B 53 -7.49 -24.16 -22.04
C TYR B 53 -8.60 -23.78 -21.08
N ARG B 54 -8.47 -24.19 -19.82
CA ARG B 54 -9.47 -23.95 -18.80
C ARG B 54 -8.81 -23.92 -17.43
N VAL B 55 -9.44 -23.20 -16.48
CA VAL B 55 -8.92 -23.02 -15.14
C VAL B 55 -10.00 -23.38 -14.12
N LYS B 56 -9.56 -23.47 -12.87
CA LYS B 56 -10.44 -23.55 -11.71
C LYS B 56 -10.21 -22.28 -10.89
N LEU B 57 -11.28 -21.50 -10.69
CA LEU B 57 -11.18 -20.24 -9.97
C LEU B 57 -11.13 -20.46 -8.47
N PRO B 67 -14.78 -24.78 -6.31
CA PRO B 67 -13.96 -24.51 -7.50
C PRO B 67 -14.79 -24.46 -8.79
N VAL B 68 -14.93 -23.26 -9.35
CA VAL B 68 -15.70 -23.04 -10.57
C VAL B 68 -14.76 -23.15 -11.75
N GLU B 69 -15.09 -24.04 -12.69
CA GLU B 69 -14.24 -24.34 -13.82
C GLU B 69 -14.69 -23.51 -15.02
N LYS B 70 -13.74 -22.91 -15.73
CA LYS B 70 -14.04 -21.94 -16.78
C LYS B 70 -12.95 -21.96 -17.84
N GLU B 71 -13.36 -22.00 -19.11
CA GLU B 71 -12.45 -21.95 -20.23
C GLU B 71 -12.12 -20.49 -20.54
N ILE B 72 -10.84 -20.18 -20.70
CA ILE B 72 -10.42 -18.82 -21.02
C ILE B 72 -9.69 -18.80 -22.35
N LEU B 73 -9.54 -19.97 -22.97
CA LEU B 73 -9.13 -20.08 -24.37
C LEU B 73 -9.96 -21.20 -25.00
N SER B 74 -10.66 -20.91 -26.09
CA SER B 74 -11.64 -21.87 -26.58
C SER B 74 -11.08 -22.81 -27.63
N ASN B 75 -10.75 -22.30 -28.81
CA ASN B 75 -10.22 -23.12 -29.89
C ASN B 75 -9.34 -22.22 -30.75
N ILE B 76 -8.04 -22.27 -30.52
CA ILE B 76 -7.10 -21.33 -31.11
C ILE B 76 -5.99 -22.11 -31.78
N ASN B 77 -5.74 -21.82 -33.06
CA ASN B 77 -4.59 -22.38 -33.76
C ASN B 77 -3.91 -21.28 -34.57
N GLY B 78 -2.60 -21.40 -34.75
CA GLY B 78 -1.84 -20.38 -35.44
C GLY B 78 -0.39 -20.77 -35.59
N ILE B 79 0.25 -20.18 -36.59
CA ILE B 79 1.67 -20.38 -36.87
C ILE B 79 2.39 -19.05 -36.74
N MET B 80 3.57 -19.07 -36.14
CA MET B 80 4.34 -17.87 -35.88
C MET B 80 5.72 -18.01 -36.49
N LYS B 81 5.97 -17.27 -37.55
CA LYS B 81 7.19 -17.35 -38.33
C LYS B 81 8.36 -16.71 -37.59
N PRO B 82 9.60 -16.98 -38.05
CA PRO B 82 10.71 -16.11 -37.66
C PRO B 82 10.46 -14.69 -38.14
N GLY B 83 10.57 -13.76 -37.21
CA GLY B 83 10.07 -12.42 -37.43
C GLY B 83 9.42 -11.89 -36.17
N LEU B 84 8.34 -11.14 -36.33
CA LEU B 84 7.75 -10.37 -35.24
C LEU B 84 6.26 -10.62 -35.19
N ASN B 85 5.80 -11.25 -34.11
CA ASN B 85 4.44 -11.73 -33.96
C ASN B 85 3.77 -10.94 -32.85
N ALA B 86 2.60 -10.40 -33.11
CA ALA B 86 1.90 -9.58 -32.14
C ALA B 86 0.59 -10.24 -31.78
N ILE B 87 0.14 -10.01 -30.55
CA ILE B 87 -1.14 -10.53 -30.07
C ILE B 87 -1.94 -9.35 -29.52
N LEU B 88 -3.09 -9.09 -30.12
CA LEU B 88 -3.95 -7.97 -29.76
C LEU B 88 -5.22 -8.49 -29.10
N GLY B 89 -5.90 -7.60 -28.38
CA GLY B 89 -7.18 -7.92 -27.79
C GLY B 89 -7.52 -7.02 -26.62
N PRO B 90 -8.66 -7.27 -25.98
CA PRO B 90 -8.98 -6.55 -24.75
C PRO B 90 -8.19 -7.12 -23.57
N THR B 91 -8.33 -6.47 -22.42
CA THR B 91 -7.71 -6.93 -21.19
C THR B 91 -8.28 -8.27 -20.77
N GLY B 92 -9.61 -8.39 -20.80
CA GLY B 92 -10.27 -9.64 -20.44
C GLY B 92 -10.14 -10.73 -21.47
N GLY B 93 -9.65 -10.42 -22.67
CA GLY B 93 -9.39 -11.44 -23.64
C GLY B 93 -8.18 -12.27 -23.27
N GLY B 94 -7.98 -13.34 -24.03
CA GLY B 94 -6.91 -14.25 -23.68
C GLY B 94 -5.55 -13.95 -24.25
N LYS B 95 -5.15 -12.67 -24.36
CA LYS B 95 -3.87 -12.35 -24.99
C LYS B 95 -2.69 -12.73 -24.09
N SER B 96 -2.72 -12.30 -22.82
CA SER B 96 -1.62 -12.63 -21.93
C SER B 96 -1.70 -14.07 -21.49
N SER B 97 -2.91 -14.64 -21.47
CA SER B 97 -3.06 -16.06 -21.15
C SER B 97 -2.48 -16.94 -22.24
N LEU B 98 -2.71 -16.60 -23.51
CA LEU B 98 -2.10 -17.37 -24.59
C LEU B 98 -0.60 -17.16 -24.65
N LEU B 99 -0.15 -15.95 -24.31
CA LEU B 99 1.29 -15.72 -24.29
C LEU B 99 1.97 -16.49 -23.17
N ASP B 100 1.28 -16.67 -22.04
CA ASP B 100 1.83 -17.49 -20.98
C ASP B 100 1.75 -18.98 -21.33
N VAL B 101 0.74 -19.36 -22.11
CA VAL B 101 0.62 -20.76 -22.54
C VAL B 101 1.74 -21.14 -23.50
N LEU B 102 2.07 -20.25 -24.45
CA LEU B 102 3.10 -20.60 -25.44
C LEU B 102 4.50 -20.65 -24.83
N ALA B 103 4.73 -19.94 -23.74
CA ALA B 103 6.01 -19.99 -23.07
C ALA B 103 6.03 -20.97 -21.91
N ALA B 104 4.99 -21.81 -21.81
CA ALA B 104 4.78 -22.79 -20.72
C ALA B 104 4.76 -22.13 -19.35
N ARG B 105 4.29 -20.89 -19.26
CA ARG B 105 4.20 -20.23 -17.96
C ARG B 105 2.92 -20.56 -17.22
N LYS B 106 2.02 -21.34 -17.82
CA LYS B 106 0.84 -21.84 -17.13
C LYS B 106 0.89 -23.36 -17.13
N ASP B 107 0.19 -23.96 -16.18
CA ASP B 107 0.39 -25.37 -15.86
C ASP B 107 -0.11 -26.28 -16.99
N PRO B 108 0.54 -27.42 -17.21
CA PRO B 108 0.10 -28.31 -18.29
C PRO B 108 -1.14 -29.11 -17.98
N SER B 109 -1.75 -28.93 -16.81
CA SER B 109 -2.99 -29.63 -16.49
C SER B 109 -4.14 -29.11 -17.32
N GLY B 110 -4.28 -27.78 -17.42
CA GLY B 110 -5.41 -27.22 -18.13
C GLY B 110 -5.22 -27.20 -19.64
N LEU B 111 -3.97 -27.26 -20.10
CA LEU B 111 -3.68 -27.20 -21.53
C LEU B 111 -4.15 -28.47 -22.24
N SER B 112 -4.87 -28.31 -23.34
CA SER B 112 -5.47 -29.44 -24.04
C SER B 112 -5.14 -29.46 -25.53
N GLY B 113 -3.98 -28.95 -25.94
CA GLY B 113 -3.57 -29.02 -27.32
C GLY B 113 -2.06 -28.98 -27.44
N ASP B 114 -1.57 -29.43 -28.58
CA ASP B 114 -0.14 -29.52 -28.78
C ASP B 114 0.47 -28.16 -29.14
N VAL B 115 1.49 -27.77 -28.39
CA VAL B 115 2.32 -26.60 -28.72
C VAL B 115 3.63 -27.16 -29.24
N LEU B 116 3.99 -26.80 -30.47
CA LEU B 116 4.99 -27.52 -31.22
C LEU B 116 5.89 -26.55 -31.96
N ILE B 117 7.19 -26.58 -31.64
CA ILE B 117 8.15 -25.68 -32.24
C ILE B 117 9.00 -26.45 -33.26
N ASN B 118 9.04 -25.92 -34.49
CA ASN B 118 9.98 -26.32 -35.54
C ASN B 118 9.82 -27.80 -35.93
N GLY B 119 8.62 -28.33 -35.77
CA GLY B 119 8.35 -29.71 -36.10
C GLY B 119 8.40 -30.69 -34.95
N ALA B 120 8.59 -30.23 -33.72
CA ALA B 120 8.74 -31.10 -32.56
C ALA B 120 8.02 -30.47 -31.38
N PRO B 121 7.57 -31.29 -30.42
CA PRO B 121 6.99 -30.72 -29.20
C PRO B 121 8.06 -30.04 -28.35
N ARG B 122 7.60 -29.27 -27.37
CA ARG B 122 8.50 -28.49 -26.55
C ARG B 122 9.27 -29.40 -25.60
N PRO B 123 10.60 -29.35 -25.59
CA PRO B 123 11.37 -30.15 -24.65
C PRO B 123 11.29 -29.59 -23.24
N ALA B 124 11.96 -30.28 -22.31
CA ALA B 124 11.95 -29.84 -20.92
C ALA B 124 12.94 -28.71 -20.68
N ASN B 125 13.85 -28.49 -21.63
CA ASN B 125 14.88 -27.47 -21.46
C ASN B 125 14.39 -26.12 -21.97
N PHE B 126 13.16 -26.09 -22.48
CA PHE B 126 12.59 -24.97 -23.24
C PHE B 126 12.53 -23.66 -22.46
N LYS B 127 12.09 -23.73 -21.20
CA LYS B 127 12.06 -22.55 -20.33
C LYS B 127 13.46 -22.01 -20.08
N CYS B 128 14.47 -22.88 -20.07
CA CYS B 128 15.84 -22.42 -19.89
C CYS B 128 16.40 -21.87 -21.20
N ASN B 129 15.71 -22.11 -22.32
CA ASN B 129 16.27 -21.73 -23.62
C ASN B 129 15.58 -20.49 -24.17
N SER B 130 14.28 -20.35 -23.92
CA SER B 130 13.49 -19.26 -24.48
C SER B 130 13.25 -18.19 -23.42
N GLY B 131 13.65 -16.97 -23.72
CA GLY B 131 13.52 -15.91 -22.74
C GLY B 131 12.11 -15.38 -22.66
N TYR B 132 11.76 -14.79 -21.52
CA TYR B 132 10.46 -14.22 -21.27
C TYR B 132 10.63 -12.93 -20.49
N VAL B 133 9.90 -11.89 -20.87
CA VAL B 133 10.09 -10.57 -20.30
C VAL B 133 8.78 -10.15 -19.66
N VAL B 134 8.82 -9.88 -18.35
CA VAL B 134 7.60 -9.65 -17.59
C VAL B 134 7.08 -8.24 -17.89
N GLN B 135 5.79 -8.02 -17.58
CA GLN B 135 5.17 -6.73 -17.85
C GLN B 135 5.77 -5.62 -17.00
N ASP B 136 5.68 -5.74 -15.68
CA ASP B 136 6.40 -4.87 -14.77
C ASP B 136 7.82 -5.42 -14.66
N ASP B 137 8.81 -4.51 -14.69
CA ASP B 137 10.20 -4.92 -14.74
C ASP B 137 10.62 -5.54 -13.41
N VAL B 138 11.33 -6.66 -13.50
CA VAL B 138 11.83 -7.36 -12.33
C VAL B 138 13.33 -7.14 -12.15
N VAL B 139 13.86 -6.06 -12.71
CA VAL B 139 15.27 -5.76 -12.54
C VAL B 139 15.54 -5.31 -11.12
N MET B 140 16.77 -5.52 -10.67
CA MET B 140 17.18 -5.05 -9.35
C MET B 140 17.39 -3.54 -9.39
N GLY B 141 16.63 -2.82 -8.58
CA GLY B 141 16.67 -1.37 -8.63
C GLY B 141 17.95 -0.80 -8.05
N THR B 142 18.57 -1.52 -7.11
CA THR B 142 19.75 -1.00 -6.44
C THR B 142 21.03 -1.41 -7.16
N LEU B 143 21.00 -2.53 -7.87
CA LEU B 143 22.16 -2.93 -8.65
C LEU B 143 22.21 -2.13 -9.94
N THR B 144 23.40 -2.08 -10.54
CA THR B 144 23.57 -1.37 -11.79
C THR B 144 23.22 -2.25 -12.98
N VAL B 145 23.32 -1.67 -14.18
CA VAL B 145 22.87 -2.35 -15.39
C VAL B 145 23.86 -3.45 -15.78
N ARG B 146 25.15 -3.23 -15.56
CA ARG B 146 26.12 -4.26 -15.85
C ARG B 146 26.08 -5.41 -14.87
N GLU B 147 25.74 -5.15 -13.60
CA GLU B 147 25.76 -6.22 -12.61
C GLU B 147 24.50 -7.09 -12.70
N ASN B 148 23.39 -6.54 -13.22
CA ASN B 148 22.23 -7.38 -13.52
C ASN B 148 22.56 -8.38 -14.62
N LEU B 149 23.23 -7.92 -15.68
CA LEU B 149 23.64 -8.82 -16.74
C LEU B 149 24.72 -9.77 -16.28
N GLN B 150 25.57 -9.35 -15.34
CA GLN B 150 26.55 -10.24 -14.74
C GLN B 150 25.88 -11.36 -13.95
N PHE B 151 24.84 -11.02 -13.19
CA PHE B 151 24.03 -11.99 -12.46
C PHE B 151 23.37 -12.99 -13.40
N SER B 152 22.73 -12.49 -14.46
CA SER B 152 22.04 -13.37 -15.40
C SER B 152 23.03 -14.23 -16.18
N ALA B 153 24.21 -13.71 -16.49
CA ALA B 153 25.21 -14.49 -17.18
C ALA B 153 25.84 -15.51 -16.26
N ALA B 154 25.86 -15.23 -14.96
CA ALA B 154 26.43 -16.17 -14.02
C ALA B 154 25.49 -17.35 -13.77
N LEU B 155 24.19 -17.10 -13.77
CA LEU B 155 23.28 -18.19 -13.42
C LEU B 155 22.73 -18.91 -14.66
N ARG B 156 22.49 -18.20 -15.77
CA ARG B 156 21.89 -18.88 -16.91
C ARG B 156 22.92 -19.65 -17.71
N LEU B 157 24.09 -19.06 -17.94
CA LEU B 157 25.09 -19.73 -18.74
C LEU B 157 25.82 -20.79 -17.93
N ALA B 158 26.69 -21.54 -18.61
CA ALA B 158 27.31 -22.70 -17.99
C ALA B 158 28.44 -22.29 -17.05
N THR B 159 28.92 -23.27 -16.28
CA THR B 159 30.08 -23.04 -15.42
C THR B 159 31.38 -23.23 -16.19
N THR B 160 31.28 -23.78 -17.41
CA THR B 160 32.48 -24.08 -18.20
C THR B 160 33.09 -22.80 -18.76
N MET B 161 32.26 -21.81 -19.08
CA MET B 161 32.69 -20.65 -19.84
C MET B 161 33.60 -19.75 -19.02
N THR B 162 34.51 -19.08 -19.71
CA THR B 162 35.44 -18.15 -19.10
C THR B 162 34.69 -16.88 -18.68
N ASN B 163 35.18 -16.23 -17.62
CA ASN B 163 34.67 -14.92 -17.23
C ASN B 163 34.88 -13.89 -18.33
N HIS B 164 35.95 -14.04 -19.11
CA HIS B 164 36.17 -13.17 -20.27
C HIS B 164 35.09 -13.39 -21.32
N GLU B 165 34.69 -14.64 -21.54
CA GLU B 165 33.65 -14.96 -22.53
C GLU B 165 32.31 -14.37 -22.10
N LYS B 166 31.98 -14.49 -20.81
CA LYS B 166 30.73 -13.95 -20.32
C LYS B 166 30.74 -12.43 -20.33
N ASN B 167 31.90 -11.82 -20.05
CA ASN B 167 31.98 -10.36 -20.10
C ASN B 167 31.89 -9.84 -21.52
N GLU B 168 32.45 -10.57 -22.50
CA GLU B 168 32.29 -10.18 -23.89
C GLU B 168 30.85 -10.37 -24.36
N ARG B 169 30.17 -11.40 -23.84
CA ARG B 169 28.76 -11.60 -24.16
C ARG B 169 27.91 -10.46 -23.61
N ILE B 170 28.20 -10.03 -22.38
CA ILE B 170 27.48 -8.92 -21.77
C ILE B 170 27.76 -7.63 -22.52
N ASN B 171 29.00 -7.43 -22.98
CA ASN B 171 29.32 -6.24 -23.77
C ASN B 171 28.61 -6.25 -25.11
N ARG B 172 28.47 -7.42 -25.73
CA ARG B 172 27.74 -7.54 -26.99
C ARG B 172 26.26 -7.24 -26.80
N VAL B 173 25.66 -7.78 -25.73
CA VAL B 173 24.24 -7.57 -25.47
C VAL B 173 23.97 -6.12 -25.12
N ILE B 174 24.84 -5.50 -24.32
CA ILE B 174 24.65 -4.10 -23.96
C ILE B 174 25.02 -3.17 -25.11
N GLN B 175 25.74 -3.68 -26.12
CA GLN B 175 25.94 -2.91 -27.33
C GLN B 175 24.71 -2.97 -28.23
N GLU B 176 24.03 -4.12 -28.25
CA GLU B 176 22.86 -4.26 -29.12
C GLU B 176 21.67 -3.46 -28.60
N LEU B 177 21.67 -3.13 -27.32
CA LEU B 177 20.54 -2.44 -26.71
C LEU B 177 20.66 -0.92 -26.75
N GLY B 178 21.87 -0.40 -26.88
CA GLY B 178 22.05 1.04 -26.76
C GLY B 178 22.09 1.51 -25.32
N LEU B 179 22.51 0.65 -24.40
CA LEU B 179 22.70 1.00 -23.01
C LEU B 179 24.15 1.31 -22.69
N ASP B 180 24.96 1.65 -23.70
CA ASP B 180 26.39 1.83 -23.46
C ASP B 180 26.66 3.15 -22.74
N LYS B 181 25.76 4.12 -22.88
CA LYS B 181 25.93 5.39 -22.19
C LYS B 181 25.66 5.26 -20.70
N VAL B 182 24.83 4.28 -20.33
CA VAL B 182 24.40 4.11 -18.95
C VAL B 182 24.77 2.72 -18.42
N ALA B 183 25.81 2.11 -18.99
CA ALA B 183 26.27 0.76 -18.71
C ALA B 183 26.67 0.51 -17.26
N ASP B 184 27.05 1.55 -16.53
CA ASP B 184 27.48 1.39 -15.15
C ASP B 184 26.77 2.33 -14.18
N SER B 185 25.54 2.73 -14.48
CA SER B 185 24.77 3.50 -13.52
C SER B 185 23.68 2.63 -12.89
N LYS B 186 23.21 3.05 -11.72
CA LYS B 186 22.25 2.25 -10.99
C LYS B 186 20.86 2.37 -11.60
N VAL B 187 20.08 1.30 -11.49
CA VAL B 187 18.79 1.23 -12.19
C VAL B 187 17.76 2.10 -11.50
N GLY B 188 17.71 2.07 -10.18
CA GLY B 188 16.94 3.12 -9.54
C GLY B 188 15.85 2.58 -8.64
N THR B 189 15.65 3.26 -7.51
CA THR B 189 14.62 2.95 -6.54
C THR B 189 14.01 4.27 -6.07
N GLN B 190 13.32 4.20 -4.92
CA GLN B 190 12.74 5.40 -4.35
C GLN B 190 13.81 6.36 -3.81
N PHE B 191 14.80 5.84 -3.08
CA PHE B 191 15.74 6.72 -2.39
C PHE B 191 16.78 7.29 -3.34
N ILE B 192 17.27 6.50 -4.28
CA ILE B 192 18.28 6.96 -5.24
C ILE B 192 17.60 7.21 -6.57
N ARG B 193 18.00 8.28 -7.24
CA ARG B 193 17.54 8.50 -8.61
C ARG B 193 18.30 7.55 -9.55
N GLY B 194 17.63 7.14 -10.61
CA GLY B 194 18.23 6.15 -11.47
C GLY B 194 17.98 6.32 -12.95
N VAL B 195 18.09 5.22 -13.69
CA VAL B 195 17.94 5.25 -15.13
C VAL B 195 16.46 5.37 -15.48
N SER B 196 16.18 5.86 -16.70
CA SER B 196 14.81 6.08 -17.15
C SER B 196 14.09 4.75 -17.39
N GLY B 197 12.76 4.85 -17.57
CA GLY B 197 11.93 3.66 -17.60
C GLY B 197 12.11 2.82 -18.86
N GLY B 198 12.33 3.48 -20.00
CA GLY B 198 12.59 2.75 -21.22
C GLY B 198 13.91 2.01 -21.19
N GLU B 199 14.89 2.55 -20.47
CA GLU B 199 16.17 1.88 -20.38
C GLU B 199 16.15 0.82 -19.28
N ARG B 200 15.23 0.95 -18.31
CA ARG B 200 14.91 -0.19 -17.45
C ARG B 200 14.30 -1.33 -18.25
N LYS B 201 13.42 -1.00 -19.20
CA LYS B 201 12.81 -2.04 -20.03
C LYS B 201 13.85 -2.68 -20.95
N ARG B 202 14.78 -1.89 -21.46
CA ARG B 202 15.87 -2.44 -22.26
C ARG B 202 16.78 -3.33 -21.41
N THR B 203 16.96 -2.99 -20.13
CA THR B 203 17.72 -3.85 -19.24
C THR B 203 16.98 -5.17 -18.99
N SER B 204 15.65 -5.09 -18.85
CA SER B 204 14.86 -6.31 -18.62
C SER B 204 14.85 -7.21 -19.84
N ILE B 205 14.93 -6.62 -21.04
CA ILE B 205 15.09 -7.43 -22.24
C ILE B 205 16.49 -8.01 -22.32
N GLY B 206 17.50 -7.22 -21.92
CA GLY B 206 18.86 -7.67 -22.04
C GLY B 206 19.23 -8.75 -21.04
N MET B 207 18.49 -8.84 -19.94
CA MET B 207 18.71 -9.93 -19.00
C MET B 207 18.35 -11.28 -19.60
N GLU B 208 17.35 -11.29 -20.49
CA GLU B 208 16.96 -12.55 -21.11
C GLU B 208 17.65 -12.74 -22.46
N LEU B 209 18.30 -11.69 -22.97
CA LEU B 209 19.10 -11.84 -24.18
C LEU B 209 20.46 -12.49 -23.94
N ILE B 210 20.81 -12.81 -22.70
CA ILE B 210 22.16 -13.31 -22.42
C ILE B 210 22.34 -14.73 -22.93
N THR B 211 21.34 -15.59 -22.71
CA THR B 211 21.42 -16.98 -23.09
C THR B 211 21.24 -17.23 -24.58
N ASP B 212 21.12 -16.16 -25.37
CA ASP B 212 20.83 -16.20 -26.80
C ASP B 212 19.59 -17.04 -27.12
N PRO B 213 18.39 -16.53 -26.83
CA PRO B 213 17.20 -17.35 -27.01
C PRO B 213 16.80 -17.44 -28.47
N SER B 214 16.33 -18.62 -28.87
CA SER B 214 15.80 -18.77 -30.22
C SER B 214 14.43 -18.11 -30.33
N ILE B 215 13.61 -18.25 -29.30
CA ILE B 215 12.28 -17.65 -29.24
C ILE B 215 12.29 -16.67 -28.08
N LEU B 216 11.80 -15.45 -28.32
CA LEU B 216 11.80 -14.42 -27.28
C LEU B 216 10.38 -13.90 -27.09
N PHE B 217 9.81 -14.15 -25.92
CA PHE B 217 8.46 -13.73 -25.59
C PHE B 217 8.52 -12.39 -24.87
N LEU B 218 7.41 -11.64 -24.92
CA LEU B 218 7.35 -10.33 -24.29
C LEU B 218 5.91 -10.01 -23.88
N ASP B 219 5.68 -9.99 -22.57
CA ASP B 219 4.40 -9.60 -22.01
C ASP B 219 4.39 -8.09 -21.87
N GLU B 220 3.59 -7.42 -22.72
CA GLU B 220 3.28 -5.98 -22.68
C GLU B 220 4.50 -5.07 -22.70
N PRO B 221 5.26 -4.99 -23.79
CA PRO B 221 6.45 -4.13 -23.76
C PRO B 221 6.15 -2.65 -23.92
N THR B 222 4.91 -2.30 -24.25
CA THR B 222 4.59 -0.90 -24.50
C THR B 222 4.04 -0.21 -23.26
N THR B 223 3.24 -0.92 -22.46
CA THR B 223 2.46 -0.27 -21.43
C THR B 223 3.34 0.16 -20.26
N GLY B 224 2.84 1.12 -19.49
CA GLY B 224 3.63 1.77 -18.46
C GLY B 224 4.63 2.79 -18.97
N LEU B 225 4.68 3.04 -20.28
CA LEU B 225 5.66 3.91 -20.89
C LEU B 225 4.96 5.04 -21.62
N ASP B 226 5.73 6.06 -21.98
CA ASP B 226 5.23 7.12 -22.85
C ASP B 226 5.36 6.72 -24.31
N SER B 227 4.97 7.64 -25.20
CA SER B 227 4.77 7.26 -26.59
C SER B 227 6.09 7.06 -27.34
N SER B 228 6.97 8.06 -27.29
CA SER B 228 8.24 7.97 -28.02
C SER B 228 9.15 6.91 -27.42
N THR B 229 9.04 6.70 -26.10
CA THR B 229 9.71 5.59 -25.44
C THR B 229 9.26 4.24 -25.99
N ALA B 230 7.95 4.06 -26.16
CA ALA B 230 7.42 2.82 -26.70
C ALA B 230 7.83 2.62 -28.15
N ASN B 231 7.86 3.71 -28.93
CA ASN B 231 8.31 3.61 -30.31
C ASN B 231 9.78 3.23 -30.39
N ALA B 232 10.60 3.76 -29.47
CA ALA B 232 12.02 3.40 -29.45
C ALA B 232 12.23 1.93 -29.08
N VAL B 233 11.47 1.44 -28.10
CA VAL B 233 11.55 0.03 -27.70
C VAL B 233 11.14 -0.88 -28.85
N LEU B 234 10.08 -0.51 -29.57
CA LEU B 234 9.60 -1.37 -30.65
C LEU B 234 10.51 -1.31 -31.88
N LEU B 235 11.16 -0.17 -32.11
CA LEU B 235 12.17 -0.13 -33.19
C LEU B 235 13.37 -0.98 -32.82
N LEU B 236 13.74 -1.01 -31.54
CA LEU B 236 14.77 -1.93 -31.07
C LEU B 236 14.36 -3.38 -31.28
N LEU B 237 13.08 -3.69 -31.04
CA LEU B 237 12.59 -5.05 -31.25
C LEU B 237 12.60 -5.42 -32.72
N LYS B 238 12.30 -4.47 -33.60
CA LYS B 238 12.36 -4.74 -35.03
C LYS B 238 13.80 -4.98 -35.50
N ARG B 239 14.74 -4.21 -34.93
CA ARG B 239 16.15 -4.42 -35.24
C ARG B 239 16.64 -5.77 -34.71
N MET B 240 16.05 -6.26 -33.62
CA MET B 240 16.35 -7.61 -33.16
C MET B 240 15.75 -8.65 -34.10
N SER B 241 14.53 -8.40 -34.59
CA SER B 241 13.81 -9.41 -35.36
C SER B 241 14.37 -9.54 -36.77
N LYS B 242 15.05 -8.50 -37.26
CA LYS B 242 15.67 -8.60 -38.58
C LYS B 242 16.83 -9.58 -38.61
N GLN B 243 17.44 -9.86 -37.45
CA GLN B 243 18.52 -10.83 -37.35
C GLN B 243 18.04 -12.27 -37.61
N GLY B 244 16.81 -12.59 -37.25
CA GLY B 244 16.31 -13.95 -37.34
C GLY B 244 15.72 -14.48 -36.06
N ARG B 245 15.67 -13.66 -35.01
CA ARG B 245 15.12 -14.08 -33.74
C ARG B 245 13.60 -13.90 -33.76
N THR B 246 12.90 -14.92 -33.27
CA THR B 246 11.44 -14.97 -33.37
C THR B 246 10.86 -14.31 -32.13
N ILE B 247 10.34 -13.09 -32.28
CA ILE B 247 9.81 -12.32 -31.18
C ILE B 247 8.30 -12.50 -31.17
N ILE B 248 7.75 -12.86 -30.01
CA ILE B 248 6.32 -13.03 -29.82
C ILE B 248 5.91 -12.13 -28.68
N PHE B 249 4.96 -11.23 -28.92
CA PHE B 249 4.62 -10.33 -27.82
C PHE B 249 3.14 -10.00 -27.81
N SER B 250 2.65 -9.71 -26.61
CA SER B 250 1.29 -9.20 -26.46
C SER B 250 1.38 -7.71 -26.14
N ILE B 251 0.41 -6.94 -26.60
CA ILE B 251 0.37 -5.51 -26.34
C ILE B 251 -1.06 -5.07 -26.05
N HIS B 252 -1.24 -3.76 -25.90
CA HIS B 252 -2.50 -3.18 -25.47
C HIS B 252 -2.67 -1.83 -26.15
N GLN B 253 -3.67 -1.73 -27.04
CA GLN B 253 -4.04 -0.58 -27.85
C GLN B 253 -2.88 0.23 -28.46
N PRO B 254 -2.25 -0.31 -29.51
CA PRO B 254 -1.05 0.33 -30.06
C PRO B 254 -1.39 1.49 -30.99
N ARG B 255 -0.34 2.21 -31.40
CA ARG B 255 -0.45 3.25 -32.40
C ARG B 255 -0.25 2.65 -33.79
N TYR B 256 -0.53 3.45 -34.83
CA TYR B 256 -0.33 2.93 -36.19
C TYR B 256 1.14 2.92 -36.55
N SER B 257 1.93 3.82 -35.96
CA SER B 257 3.38 3.78 -36.13
C SER B 257 3.97 2.52 -35.49
N ILE B 258 3.30 2.01 -34.45
CA ILE B 258 3.60 0.68 -33.95
C ILE B 258 3.10 -0.39 -34.92
N PHE B 259 1.85 -0.24 -35.37
CA PHE B 259 1.14 -1.32 -36.05
C PHE B 259 1.70 -1.59 -37.44
N LYS B 260 2.41 -0.62 -38.02
CA LYS B 260 2.98 -0.82 -39.35
C LYS B 260 4.19 -1.75 -39.32
N LEU B 261 4.74 -1.99 -38.12
CA LEU B 261 5.98 -2.74 -38.03
C LEU B 261 5.76 -4.24 -37.93
N PHE B 262 4.51 -4.67 -37.77
CA PHE B 262 4.25 -6.06 -37.41
C PHE B 262 4.43 -6.99 -38.60
N ASP B 263 4.92 -8.19 -38.33
CA ASP B 263 5.03 -9.20 -39.37
C ASP B 263 3.84 -10.15 -39.36
N SER B 264 3.38 -10.55 -38.17
CA SER B 264 2.20 -11.40 -38.06
C SER B 264 1.34 -10.94 -36.90
N LEU B 265 0.04 -11.15 -37.02
CA LEU B 265 -0.94 -10.64 -36.07
C LEU B 265 -1.80 -11.78 -35.57
N THR B 266 -2.21 -11.71 -34.31
CA THR B 266 -3.14 -12.65 -33.72
C THR B 266 -4.08 -11.90 -32.79
N LEU B 267 -5.33 -11.76 -33.19
CA LEU B 267 -6.33 -11.04 -32.42
C LEU B 267 -7.12 -12.04 -31.59
N LEU B 268 -7.37 -11.71 -30.33
CA LEU B 268 -8.10 -12.58 -29.43
C LEU B 268 -9.20 -11.78 -28.75
N ALA B 269 -10.32 -12.45 -28.44
CA ALA B 269 -11.42 -11.80 -27.74
C ALA B 269 -12.23 -12.85 -26.99
N SER B 270 -12.34 -12.65 -25.68
CA SER B 270 -13.14 -13.49 -24.76
C SER B 270 -12.76 -14.97 -24.84
N GLY B 271 -11.48 -15.23 -25.12
CA GLY B 271 -11.00 -16.58 -25.23
C GLY B 271 -11.13 -17.20 -26.60
N ARG B 272 -11.53 -16.44 -27.61
CA ARG B 272 -11.69 -16.99 -28.95
C ARG B 272 -10.83 -16.23 -29.93
N LEU B 273 -10.29 -16.98 -30.90
CA LEU B 273 -9.43 -16.42 -31.94
C LEU B 273 -10.28 -15.60 -32.89
N MET B 274 -9.85 -14.37 -33.18
CA MET B 274 -10.62 -13.52 -34.08
C MET B 274 -9.93 -13.41 -35.43
N PHE B 275 -8.62 -13.29 -35.44
CA PHE B 275 -7.86 -13.22 -36.69
C PHE B 275 -6.49 -13.84 -36.45
N HIS B 276 -5.93 -14.46 -37.48
CA HIS B 276 -4.52 -14.80 -37.52
C HIS B 276 -4.05 -14.80 -38.96
N GLY B 277 -3.06 -13.96 -39.25
CA GLY B 277 -2.48 -13.86 -40.56
C GLY B 277 -1.43 -12.78 -40.56
N PRO B 278 -0.96 -12.38 -41.73
CA PRO B 278 -0.09 -11.20 -41.80
C PRO B 278 -0.85 -9.93 -41.39
N ALA B 279 -0.13 -8.99 -40.81
CA ALA B 279 -0.79 -7.85 -40.16
C ALA B 279 -1.29 -6.84 -41.18
N GLN B 280 -0.66 -6.78 -42.35
CA GLN B 280 -1.16 -5.92 -43.40
C GLN B 280 -2.48 -6.43 -43.97
N GLU B 281 -2.68 -7.74 -43.93
CA GLU B 281 -3.85 -8.35 -44.56
C GLU B 281 -5.09 -8.20 -43.69
N ALA B 282 -4.92 -7.78 -42.44
CA ALA B 282 -6.00 -7.87 -41.46
C ALA B 282 -7.11 -6.85 -41.73
N LEU B 283 -6.73 -5.62 -42.05
CA LEU B 283 -7.69 -4.59 -42.40
C LEU B 283 -8.43 -4.90 -43.70
N GLY B 284 -7.74 -5.47 -44.69
CA GLY B 284 -8.42 -5.90 -45.90
C GLY B 284 -9.37 -7.05 -45.65
N TYR B 285 -9.00 -7.94 -44.73
CA TYR B 285 -9.90 -9.05 -44.37
C TYR B 285 -11.13 -8.54 -43.66
N PHE B 286 -10.98 -7.54 -42.80
CA PHE B 286 -12.17 -7.00 -42.12
C PHE B 286 -12.97 -6.07 -43.01
N GLU B 287 -12.39 -5.52 -44.07
CA GLU B 287 -13.20 -4.89 -45.11
C GLU B 287 -13.99 -5.92 -45.88
N SER B 288 -13.39 -7.10 -46.13
CA SER B 288 -14.10 -8.17 -46.82
C SER B 288 -15.17 -8.79 -45.92
N ALA B 289 -15.02 -8.65 -44.61
CA ALA B 289 -16.03 -9.17 -43.69
C ALA B 289 -17.28 -8.30 -43.72
N GLY B 290 -17.15 -7.03 -44.07
CA GLY B 290 -18.28 -6.13 -44.16
C GLY B 290 -18.25 -4.98 -43.18
N TYR B 291 -17.15 -4.73 -42.49
CA TYR B 291 -17.05 -3.62 -41.53
C TYR B 291 -16.28 -2.48 -42.17
N HIS B 292 -16.94 -1.34 -42.34
CA HIS B 292 -16.32 -0.21 -43.00
C HIS B 292 -15.37 0.51 -42.06
N CYS B 293 -14.16 0.75 -42.51
CA CYS B 293 -13.16 1.51 -41.78
C CYS B 293 -13.26 2.96 -42.21
N GLU B 294 -13.28 3.87 -41.24
CA GLU B 294 -13.33 5.29 -41.55
C GLU B 294 -11.93 5.84 -41.73
N ALA B 295 -11.85 7.01 -42.38
CA ALA B 295 -10.57 7.65 -42.59
C ALA B 295 -10.06 8.25 -41.28
N TYR B 296 -8.73 8.38 -41.18
CA TYR B 296 -8.00 8.90 -40.02
C TYR B 296 -8.33 8.11 -38.75
N ASN B 297 -8.30 6.79 -38.85
CA ASN B 297 -8.60 5.91 -37.72
C ASN B 297 -7.51 4.86 -37.61
N ASN B 298 -7.07 4.60 -36.39
CA ASN B 298 -6.05 3.59 -36.15
C ASN B 298 -6.65 2.21 -36.40
N PRO B 299 -6.02 1.38 -37.25
CA PRO B 299 -6.58 0.05 -37.55
C PRO B 299 -6.66 -0.88 -36.34
N ALA B 300 -5.73 -0.79 -35.40
CA ALA B 300 -5.82 -1.62 -34.19
C ALA B 300 -6.98 -1.16 -33.30
N ASP B 301 -7.20 0.15 -33.23
CA ASP B 301 -8.38 0.66 -32.54
C ASP B 301 -9.65 0.28 -33.27
N PHE B 302 -9.58 0.15 -34.59
CA PHE B 302 -10.71 -0.36 -35.35
C PHE B 302 -10.96 -1.84 -35.06
N PHE B 303 -9.88 -2.58 -34.82
CA PHE B 303 -10.00 -4.00 -34.49
C PHE B 303 -10.67 -4.19 -33.14
N LEU B 304 -10.28 -3.37 -32.16
CA LEU B 304 -10.94 -3.41 -30.86
C LEU B 304 -12.37 -2.87 -30.94
N ASP B 305 -12.62 -1.93 -31.86
CA ASP B 305 -13.97 -1.37 -31.98
C ASP B 305 -14.93 -2.37 -32.61
N ILE B 306 -14.40 -3.27 -33.44
CA ILE B 306 -15.21 -4.40 -33.92
C ILE B 306 -15.62 -5.29 -32.75
N ILE B 307 -14.70 -5.52 -31.82
CA ILE B 307 -14.97 -6.40 -30.68
C ILE B 307 -15.98 -5.75 -29.74
N ASN B 308 -15.82 -4.45 -29.48
CA ASN B 308 -16.63 -3.79 -28.46
C ASN B 308 -18.06 -3.56 -28.93
N GLY B 309 -18.29 -3.63 -30.24
CA GLY B 309 -19.62 -3.46 -30.78
C GLY B 309 -20.01 -2.03 -31.10
N ASP B 310 -19.09 -1.26 -31.70
CA ASP B 310 -19.28 0.15 -32.07
C ASP B 310 -19.71 1.03 -30.90
N LEU B 337 -22.25 -11.75 -30.39
CA LEU B 337 -21.43 -11.10 -31.40
C LEU B 337 -20.13 -11.86 -31.64
N ILE B 338 -19.49 -12.28 -30.54
CA ILE B 338 -18.18 -12.91 -30.64
C ILE B 338 -18.32 -14.32 -31.20
N GLU B 339 -19.38 -15.03 -30.85
CA GLU B 339 -19.68 -16.29 -31.50
C GLU B 339 -20.09 -16.11 -32.96
N LYS B 340 -20.67 -14.95 -33.30
CA LYS B 340 -20.97 -14.66 -34.70
C LYS B 340 -19.71 -14.31 -35.47
N LEU B 341 -18.81 -13.54 -34.86
CA LEU B 341 -17.60 -13.08 -35.55
C LEU B 341 -16.49 -14.11 -35.58
N ALA B 342 -16.48 -15.08 -34.67
CA ALA B 342 -15.46 -16.11 -34.71
C ALA B 342 -15.69 -17.09 -35.84
N GLU B 343 -16.95 -17.37 -36.16
CA GLU B 343 -17.29 -18.27 -37.26
C GLU B 343 -17.00 -17.66 -38.62
N ILE B 344 -16.91 -16.32 -38.70
CA ILE B 344 -16.53 -15.67 -39.95
C ILE B 344 -15.06 -15.97 -40.26
N TYR B 345 -14.23 -16.08 -39.22
CA TYR B 345 -12.84 -16.45 -39.45
C TYR B 345 -12.70 -17.92 -39.82
N VAL B 346 -13.66 -18.75 -39.45
CA VAL B 346 -13.64 -20.16 -39.84
C VAL B 346 -13.87 -20.29 -41.35
N ASN B 347 -14.60 -19.35 -41.95
CA ASN B 347 -14.85 -19.35 -43.38
C ASN B 347 -13.89 -18.45 -44.15
N SER B 348 -12.64 -18.36 -43.71
CA SER B 348 -11.65 -17.49 -44.33
C SER B 348 -10.76 -18.26 -45.29
N SER B 349 -9.94 -17.50 -46.01
CA SER B 349 -8.82 -18.05 -46.77
C SER B 349 -7.55 -18.12 -45.95
N PHE B 350 -7.49 -17.38 -44.85
CA PHE B 350 -6.35 -17.38 -43.94
C PHE B 350 -6.40 -18.51 -42.93
N TYR B 351 -7.54 -19.20 -42.84
CA TYR B 351 -7.79 -20.27 -41.89
C TYR B 351 -7.55 -21.63 -42.52
N LYS B 352 -8.01 -21.81 -43.76
CA LYS B 352 -7.74 -23.04 -44.48
C LYS B 352 -6.26 -23.17 -44.82
N GLU B 353 -5.60 -22.05 -45.12
CA GLU B 353 -4.15 -22.07 -45.35
C GLU B 353 -3.40 -22.39 -44.07
N THR B 354 -3.91 -21.90 -42.93
CA THR B 354 -3.28 -22.17 -41.64
C THR B 354 -3.44 -23.64 -41.27
N LYS B 355 -4.60 -24.22 -41.52
CA LYS B 355 -4.75 -25.66 -41.29
C LYS B 355 -3.92 -26.48 -42.27
N ALA B 356 -3.80 -26.01 -43.52
CA ALA B 356 -2.98 -26.70 -44.51
C ALA B 356 -1.51 -26.67 -44.17
N GLU B 357 -1.05 -25.65 -43.46
CA GLU B 357 0.30 -25.62 -42.93
C GLU B 357 0.47 -26.43 -41.65
N LEU B 358 -0.53 -26.39 -40.76
CA LEU B 358 -0.42 -27.08 -39.48
C LEU B 358 -0.52 -28.59 -39.62
N HIS B 359 -1.43 -29.09 -40.45
CA HIS B 359 -1.50 -30.53 -40.66
C HIS B 359 -0.34 -31.06 -41.49
N GLN B 360 0.39 -30.18 -42.18
CA GLN B 360 1.64 -30.60 -42.80
C GLN B 360 2.73 -30.85 -41.77
N LEU B 361 2.85 -29.97 -40.77
CA LEU B 361 3.87 -30.10 -39.75
C LEU B 361 3.56 -31.17 -38.71
N SER B 362 2.29 -31.31 -38.33
CA SER B 362 1.91 -32.31 -37.34
C SER B 362 1.94 -33.71 -37.93
N GLY B 363 1.15 -33.94 -38.96
CA GLY B 363 1.08 -35.25 -39.59
C GLY B 363 2.16 -35.46 -40.63
N TYR B 378 21.03 -28.65 -11.71
CA TYR B 378 20.58 -27.99 -12.94
C TYR B 378 21.76 -27.78 -13.87
N THR B 379 21.79 -26.61 -14.51
CA THR B 379 22.94 -26.20 -15.30
C THR B 379 24.16 -25.97 -14.41
N THR B 380 23.98 -25.25 -13.31
CA THR B 380 25.05 -24.88 -12.41
C THR B 380 24.93 -25.66 -11.11
N SER B 381 25.99 -25.61 -10.30
CA SER B 381 26.01 -26.35 -9.05
C SER B 381 25.24 -25.60 -7.96
N PHE B 382 25.17 -26.21 -6.77
CA PHE B 382 24.41 -25.60 -5.69
C PHE B 382 25.13 -24.43 -5.06
N CYS B 383 26.43 -24.60 -4.76
CA CYS B 383 27.20 -23.55 -4.11
C CYS B 383 27.37 -22.34 -5.02
N HIS B 384 27.37 -22.56 -6.33
CA HIS B 384 27.40 -21.46 -7.30
C HIS B 384 26.14 -20.61 -7.21
N GLN B 385 24.97 -21.25 -7.16
CA GLN B 385 23.71 -20.52 -7.06
C GLN B 385 23.59 -19.83 -5.71
N LEU B 386 24.03 -20.49 -4.64
CA LEU B 386 23.97 -19.88 -3.31
C LEU B 386 24.90 -18.68 -3.21
N ARG B 387 26.08 -18.78 -3.84
CA ARG B 387 27.03 -17.67 -3.83
C ARG B 387 26.51 -16.47 -4.59
N TRP B 388 25.94 -16.69 -5.78
CA TRP B 388 25.49 -15.55 -6.56
C TRP B 388 24.20 -14.94 -6.01
N VAL B 389 23.30 -15.76 -5.46
CA VAL B 389 22.09 -15.21 -4.86
C VAL B 389 22.41 -14.43 -3.60
N SER B 390 23.32 -14.96 -2.77
CA SER B 390 23.74 -14.25 -1.56
C SER B 390 24.48 -12.98 -1.90
N LYS B 391 25.28 -12.99 -2.97
CA LYS B 391 26.01 -11.80 -3.39
C LYS B 391 25.07 -10.71 -3.89
N ARG B 392 24.07 -11.10 -4.70
CA ARG B 392 23.08 -10.12 -5.17
C ARG B 392 22.26 -9.55 -4.03
N SER B 393 21.87 -10.38 -3.07
CA SER B 393 21.03 -9.89 -2.00
C SER B 393 21.81 -9.03 -1.02
N PHE B 394 23.10 -9.33 -0.82
CA PHE B 394 23.92 -8.47 0.03
C PHE B 394 24.23 -7.14 -0.65
N LYS B 395 24.40 -7.16 -1.97
CA LYS B 395 24.60 -5.91 -2.68
C LYS B 395 23.32 -5.09 -2.71
N ASN B 396 22.16 -5.76 -2.67
CA ASN B 396 20.89 -5.05 -2.49
C ASN B 396 20.78 -4.48 -1.09
N LEU B 397 21.33 -5.18 -0.10
CA LEU B 397 21.27 -4.68 1.27
C LEU B 397 22.16 -3.46 1.46
N LEU B 398 23.32 -3.44 0.80
CA LEU B 398 24.15 -2.24 0.83
C LEU B 398 23.55 -1.12 -0.01
N GLY B 399 23.03 -1.44 -1.19
CA GLY B 399 22.57 -0.40 -2.10
C GLY B 399 21.22 0.19 -1.69
N ASN B 400 20.50 -0.48 -0.80
CA ASN B 400 19.32 0.08 -0.17
C ASN B 400 19.76 0.61 1.20
N PRO B 401 20.04 1.90 1.33
CA PRO B 401 20.68 2.37 2.57
C PRO B 401 19.74 2.47 3.75
N GLN B 402 18.52 2.98 3.57
CA GLN B 402 17.76 3.50 4.71
C GLN B 402 17.16 2.39 5.56
N ALA B 403 16.65 1.32 4.92
CA ALA B 403 15.98 0.27 5.69
C ALA B 403 16.98 -0.60 6.43
N SER B 404 18.27 -0.49 6.12
CA SER B 404 19.28 -1.23 6.86
C SER B 404 20.01 -0.34 7.86
N ILE B 405 20.21 0.93 7.52
CA ILE B 405 20.92 1.84 8.43
C ILE B 405 20.00 2.32 9.54
N ALA B 406 18.72 2.56 9.23
CA ALA B 406 17.82 3.15 10.20
C ALA B 406 17.48 2.19 11.33
N GLN B 407 17.54 0.88 11.06
CA GLN B 407 17.35 -0.08 12.14
C GLN B 407 18.51 -0.03 13.13
N ILE B 408 19.73 0.14 12.64
CA ILE B 408 20.89 0.26 13.51
C ILE B 408 20.85 1.58 14.28
N ILE B 409 20.38 2.65 13.62
CA ILE B 409 20.29 3.96 14.28
C ILE B 409 19.25 3.93 15.39
N VAL B 410 18.09 3.34 15.13
CA VAL B 410 17.04 3.25 16.15
C VAL B 410 17.45 2.28 17.26
N THR B 411 18.25 1.26 16.92
CA THR B 411 18.79 0.36 17.94
C THR B 411 19.77 1.08 18.87
N VAL B 412 20.66 1.91 18.30
CA VAL B 412 21.59 2.68 19.12
C VAL B 412 20.86 3.70 19.98
N VAL B 413 19.87 4.38 19.42
CA VAL B 413 19.12 5.40 20.15
C VAL B 413 18.30 4.78 21.29
N LEU B 414 17.64 3.65 21.01
CA LEU B 414 16.85 3.00 22.04
C LEU B 414 17.74 2.34 23.09
N GLY B 415 18.93 1.87 22.71
CA GLY B 415 19.87 1.37 23.69
C GLY B 415 20.37 2.47 24.62
N LEU B 416 20.63 3.66 24.07
CA LEU B 416 21.02 4.78 24.92
C LEU B 416 19.88 5.24 25.82
N VAL B 417 18.65 5.17 25.33
CA VAL B 417 17.50 5.57 26.14
C VAL B 417 17.28 4.60 27.30
N ILE B 418 17.39 3.30 27.02
CA ILE B 418 17.26 2.30 28.09
C ILE B 418 18.45 2.33 29.04
N GLY B 419 19.63 2.73 28.55
CA GLY B 419 20.75 2.94 29.46
C GLY B 419 20.59 4.20 30.29
N ALA B 420 19.80 5.16 29.82
CA ALA B 420 19.61 6.38 30.57
C ALA B 420 18.50 6.25 31.60
N ILE B 421 17.46 5.47 31.29
CA ILE B 421 16.34 5.33 32.22
C ILE B 421 16.70 4.39 33.37
N TYR B 422 17.26 3.24 33.04
CA TYR B 422 17.56 2.21 34.02
C TYR B 422 18.98 2.31 34.54
N PHE B 423 19.53 3.52 34.62
CA PHE B 423 20.95 3.69 34.91
C PHE B 423 21.25 3.35 36.37
N GLY B 424 22.22 2.46 36.57
CA GLY B 424 22.64 2.10 37.91
C GLY B 424 21.60 1.33 38.70
N LEU B 425 21.34 0.08 38.31
CA LEU B 425 20.31 -0.70 38.98
C LEU B 425 20.73 -1.05 40.40
N LYS B 426 19.96 -0.58 41.37
CA LYS B 426 20.29 -0.77 42.78
C LYS B 426 19.82 -2.13 43.26
N ASN B 427 20.22 -2.48 44.48
CA ASN B 427 19.80 -3.72 45.12
C ASN B 427 18.94 -3.34 46.33
N ASP B 428 17.66 -3.13 46.08
CA ASP B 428 16.69 -2.79 47.11
C ASP B 428 15.34 -3.32 46.65
N SER B 429 14.27 -2.76 47.21
CA SER B 429 12.93 -3.24 46.87
C SER B 429 12.54 -2.88 45.43
N THR B 430 13.24 -1.92 44.83
CA THR B 430 12.94 -1.55 43.45
C THR B 430 13.77 -2.37 42.47
N GLY B 431 14.71 -3.16 42.98
CA GLY B 431 15.63 -3.86 42.11
C GLY B 431 14.97 -4.98 41.32
N ILE B 432 14.04 -5.70 41.95
CA ILE B 432 13.27 -6.75 41.28
C ILE B 432 12.47 -6.15 40.13
N GLN B 433 11.77 -5.04 40.39
CA GLN B 433 10.91 -4.43 39.39
C GLN B 433 11.72 -3.87 38.24
N ASN B 434 12.85 -3.21 38.53
CA ASN B 434 13.65 -2.63 37.45
C ASN B 434 14.30 -3.70 36.60
N ARG B 435 14.85 -4.75 37.21
CA ARG B 435 15.53 -5.77 36.43
C ARG B 435 14.55 -6.58 35.61
N ALA B 436 13.42 -6.98 36.19
CA ALA B 436 12.42 -7.72 35.43
C ALA B 436 11.81 -6.86 34.33
N GLY B 437 11.64 -5.56 34.57
CA GLY B 437 11.12 -4.68 33.55
C GLY B 437 12.06 -4.50 32.38
N VAL B 438 13.35 -4.32 32.65
CA VAL B 438 14.26 -4.07 31.54
C VAL B 438 14.52 -5.34 30.74
N LEU B 439 14.48 -6.51 31.39
CA LEU B 439 14.67 -7.75 30.64
C LEU B 439 13.44 -8.05 29.79
N PHE B 440 12.25 -7.73 30.31
CA PHE B 440 11.04 -7.88 29.51
C PHE B 440 11.02 -6.93 28.33
N PHE B 441 11.49 -5.69 28.53
CA PHE B 441 11.55 -4.74 27.43
C PHE B 441 12.52 -5.19 26.35
N LEU B 442 13.67 -5.75 26.74
CA LEU B 442 14.64 -6.17 25.74
C LEU B 442 14.14 -7.35 24.92
N THR B 443 13.51 -8.35 25.56
CA THR B 443 13.05 -9.51 24.80
C THR B 443 11.87 -9.16 23.89
N THR B 444 10.89 -8.39 24.39
CA THR B 444 9.76 -8.06 23.54
C THR B 444 10.14 -7.03 22.49
N ASN B 445 11.21 -6.28 22.73
CA ASN B 445 11.78 -5.42 21.70
C ASN B 445 12.38 -6.24 20.56
N GLN B 446 13.13 -7.30 20.90
CA GLN B 446 13.66 -8.19 19.87
C GLN B 446 12.55 -8.81 19.05
N CYS B 447 11.49 -9.27 19.72
CA CYS B 447 10.38 -9.89 19.01
C CYS B 447 9.67 -8.91 18.08
N PHE B 448 9.33 -7.71 18.56
CA PHE B 448 8.61 -6.78 17.69
C PHE B 448 9.50 -6.12 16.66
N SER B 449 10.81 -6.07 16.89
CA SER B 449 11.67 -5.53 15.85
C SER B 449 11.95 -6.58 14.79
N SER B 450 11.66 -7.85 15.07
CA SER B 450 11.73 -8.86 14.03
C SER B 450 10.46 -8.98 13.21
N VAL B 451 9.60 -7.97 13.17
CA VAL B 451 8.44 -7.98 12.27
C VAL B 451 8.84 -7.46 10.90
N SER B 452 9.94 -6.71 10.84
CA SER B 452 10.37 -6.12 9.58
C SER B 452 11.06 -7.12 8.66
N ALA B 453 11.08 -8.41 9.01
CA ALA B 453 11.52 -9.44 8.08
C ALA B 453 10.35 -10.15 7.42
N VAL B 454 9.13 -9.66 7.61
CA VAL B 454 8.02 -10.07 6.76
C VAL B 454 8.26 -9.62 5.33
N GLU B 455 8.82 -8.43 5.17
CA GLU B 455 9.17 -7.75 3.92
C GLU B 455 10.03 -8.59 2.97
N LEU B 456 10.82 -9.51 3.55
CA LEU B 456 11.92 -10.16 2.83
C LEU B 456 11.43 -11.04 1.70
N PHE B 457 10.62 -12.05 1.99
CA PHE B 457 10.13 -12.94 0.96
C PHE B 457 8.88 -12.43 0.26
N VAL B 458 8.42 -11.22 0.59
CA VAL B 458 7.19 -10.71 0.00
C VAL B 458 7.50 -9.67 -1.07
N VAL B 459 8.53 -8.84 -0.85
CA VAL B 459 8.92 -7.86 -1.85
C VAL B 459 9.54 -8.56 -3.07
N GLU B 460 10.32 -9.59 -2.83
CA GLU B 460 11.02 -10.31 -3.89
C GLU B 460 10.21 -11.50 -4.41
N LYS B 461 8.89 -11.44 -4.39
CA LYS B 461 8.10 -12.63 -4.67
C LYS B 461 7.96 -12.88 -6.16
N LYS B 462 7.65 -11.83 -6.94
CA LYS B 462 7.50 -11.99 -8.38
C LYS B 462 8.83 -12.24 -9.05
N LEU B 463 9.90 -11.66 -8.52
CA LEU B 463 11.24 -11.95 -9.01
C LEU B 463 11.63 -13.38 -8.72
N PHE B 464 11.24 -13.91 -7.56
CA PHE B 464 11.49 -15.31 -7.26
C PHE B 464 10.74 -16.24 -8.19
N ILE B 465 9.47 -15.93 -8.48
CA ILE B 465 8.69 -16.79 -9.37
C ILE B 465 9.27 -16.77 -10.78
N HIS B 466 9.59 -15.58 -11.28
CA HIS B 466 10.13 -15.47 -12.64
C HIS B 466 11.50 -16.12 -12.77
N GLU B 467 12.35 -15.95 -11.77
CA GLU B 467 13.68 -16.54 -11.87
C GLU B 467 13.70 -18.02 -11.53
N TYR B 468 12.68 -18.54 -10.85
CA TYR B 468 12.62 -19.98 -10.68
C TYR B 468 12.07 -20.66 -11.92
N ILE B 469 11.09 -20.05 -12.58
CA ILE B 469 10.58 -20.65 -13.81
C ILE B 469 11.62 -20.55 -14.92
N SER B 470 12.31 -19.41 -15.03
CA SER B 470 13.35 -19.27 -16.04
C SER B 470 14.58 -20.10 -15.70
N GLY B 471 14.68 -20.59 -14.47
CA GLY B 471 15.67 -21.60 -14.15
C GLY B 471 17.01 -21.08 -13.73
N TYR B 472 17.07 -20.03 -12.91
CA TYR B 472 18.38 -19.56 -12.46
C TYR B 472 18.85 -20.43 -11.30
N TYR B 473 17.93 -20.80 -10.41
CA TYR B 473 18.29 -21.43 -9.15
C TYR B 473 17.20 -22.38 -8.69
N ARG B 474 17.58 -23.30 -7.80
CA ARG B 474 16.61 -24.10 -7.06
C ARG B 474 15.95 -23.24 -5.99
N VAL B 475 14.96 -23.81 -5.31
CA VAL B 475 14.35 -23.08 -4.20
C VAL B 475 15.26 -23.13 -2.99
N SER B 476 16.01 -24.22 -2.83
CA SER B 476 16.90 -24.37 -1.68
C SER B 476 18.03 -23.36 -1.69
N SER B 477 18.61 -23.11 -2.85
CA SER B 477 19.69 -22.14 -2.94
C SER B 477 19.21 -20.71 -2.78
N TYR B 478 18.04 -20.36 -3.33
CA TYR B 478 17.43 -19.06 -3.08
C TYR B 478 17.17 -18.85 -1.60
N PHE B 479 16.62 -19.86 -0.95
CA PHE B 479 16.25 -19.76 0.45
C PHE B 479 17.48 -19.62 1.34
N LEU B 480 18.47 -20.48 1.16
CA LEU B 480 19.65 -20.41 2.00
C LEU B 480 20.51 -19.19 1.70
N GLY B 481 20.53 -18.74 0.45
CA GLY B 481 21.26 -17.52 0.13
C GLY B 481 20.61 -16.29 0.72
N LYS B 482 19.28 -16.21 0.67
CA LYS B 482 18.63 -15.04 1.23
C LYS B 482 18.52 -15.11 2.76
N LEU B 483 18.69 -16.29 3.37
CA LEU B 483 18.88 -16.30 4.82
C LEU B 483 20.29 -15.88 5.18
N LEU B 484 21.29 -16.34 4.43
CA LEU B 484 22.67 -16.02 4.74
C LEU B 484 22.99 -14.56 4.45
N SER B 485 22.18 -13.91 3.62
CA SER B 485 22.46 -12.54 3.21
C SER B 485 21.71 -11.49 4.00
N ASP B 486 20.39 -11.59 4.11
CA ASP B 486 19.58 -10.53 4.72
C ASP B 486 19.17 -10.84 6.14
N LEU B 487 19.08 -12.13 6.49
CA LEU B 487 18.62 -12.47 7.82
C LEU B 487 19.76 -12.51 8.82
N LEU B 488 20.91 -13.05 8.44
CA LEU B 488 21.98 -13.27 9.41
C LEU B 488 22.64 -11.98 9.92
N PRO B 489 23.19 -11.07 9.07
CA PRO B 489 23.87 -9.92 9.67
C PRO B 489 22.96 -8.86 10.27
N MET B 490 21.77 -8.66 9.71
CA MET B 490 20.83 -7.67 10.23
C MET B 490 20.08 -8.16 11.46
N ARG B 491 20.36 -9.37 11.94
CA ARG B 491 19.93 -9.79 13.25
C ARG B 491 21.10 -10.10 14.18
N MET B 492 22.31 -10.26 13.65
CA MET B 492 23.48 -10.27 14.51
C MET B 492 23.80 -8.88 15.05
N LEU B 493 23.74 -7.85 14.21
CA LEU B 493 24.19 -6.52 14.64
C LEU B 493 23.32 -5.87 15.71
N PRO B 494 21.97 -5.82 15.62
CA PRO B 494 21.23 -5.12 16.69
C PRO B 494 21.31 -5.75 18.06
N SER B 495 21.41 -7.08 18.17
CA SER B 495 21.49 -7.70 19.48
C SER B 495 22.84 -7.45 20.14
N ILE B 496 23.91 -7.45 19.35
CA ILE B 496 25.23 -7.09 19.85
C ILE B 496 25.24 -5.65 20.32
N ILE B 497 24.58 -4.76 19.58
CA ILE B 497 24.53 -3.34 19.97
C ILE B 497 23.72 -3.15 21.24
N PHE B 498 22.57 -3.83 21.37
CA PHE B 498 21.78 -3.75 22.60
C PHE B 498 22.54 -4.25 23.80
N THR B 499 23.21 -5.39 23.69
CA THR B 499 23.90 -5.95 24.85
C THR B 499 25.09 -5.08 25.25
N CYS B 500 25.87 -4.62 24.25
CA CYS B 500 27.05 -3.82 24.55
C CYS B 500 26.69 -2.44 25.10
N ILE B 501 25.51 -1.92 24.76
CA ILE B 501 25.13 -0.63 25.31
C ILE B 501 24.44 -0.80 26.67
N VAL B 502 23.33 -1.53 26.74
CA VAL B 502 22.53 -1.52 27.96
C VAL B 502 23.12 -2.44 29.03
N TYR B 503 24.18 -3.18 28.73
CA TYR B 503 24.73 -4.00 29.79
C TYR B 503 25.49 -3.17 30.82
N PHE B 504 26.52 -2.45 30.41
CA PHE B 504 27.39 -1.78 31.38
C PHE B 504 26.81 -0.46 31.91
N MET B 505 25.86 0.14 31.21
CA MET B 505 25.22 1.34 31.75
C MET B 505 24.25 0.97 32.88
N LEU B 506 23.54 -0.14 32.72
CA LEU B 506 22.65 -0.60 33.78
C LEU B 506 23.41 -1.17 34.96
N GLY B 507 24.52 -1.85 34.70
CA GLY B 507 25.21 -2.53 35.77
C GLY B 507 24.49 -3.81 36.15
N LEU B 508 24.41 -4.73 35.20
CA LEU B 508 23.88 -6.07 35.44
C LEU B 508 24.99 -6.92 36.07
N LYS B 509 24.80 -8.24 36.09
CA LYS B 509 25.70 -9.18 36.76
C LYS B 509 27.11 -9.12 36.21
N PRO B 510 28.07 -8.56 36.95
CA PRO B 510 29.38 -8.19 36.37
C PRO B 510 30.32 -9.38 36.24
N LYS B 511 29.99 -10.28 35.31
CA LYS B 511 30.81 -11.44 35.02
C LYS B 511 31.22 -11.39 33.57
N ALA B 512 32.03 -12.37 33.14
CA ALA B 512 32.42 -12.44 31.74
C ALA B 512 31.39 -13.23 30.94
N ASP B 513 30.92 -14.35 31.47
CA ASP B 513 30.05 -15.23 30.71
C ASP B 513 28.59 -14.80 30.74
N ALA B 514 28.16 -14.05 31.75
CA ALA B 514 26.77 -13.58 31.80
C ALA B 514 26.50 -12.59 30.68
N PHE B 515 27.50 -11.79 30.33
CA PHE B 515 27.41 -10.90 29.18
C PHE B 515 27.20 -11.68 27.89
N PHE B 516 27.94 -12.78 27.72
CA PHE B 516 27.82 -13.56 26.49
C PHE B 516 26.54 -14.36 26.45
N VAL B 517 26.04 -14.81 27.60
CA VAL B 517 24.76 -15.50 27.65
C VAL B 517 23.62 -14.53 27.33
N MET B 518 23.75 -13.28 27.79
CA MET B 518 22.74 -12.28 27.46
C MET B 518 22.75 -11.92 25.99
N MET B 519 23.94 -11.75 25.42
CA MET B 519 24.07 -11.46 23.99
C MET B 519 23.54 -12.62 23.15
N PHE B 520 23.84 -13.84 23.54
CA PHE B 520 23.40 -15.01 22.79
C PHE B 520 21.90 -15.22 22.92
N THR B 521 21.33 -14.90 24.08
CA THR B 521 19.89 -15.06 24.25
C THR B 521 19.12 -14.02 23.44
N LEU B 522 19.61 -12.78 23.39
CA LEU B 522 18.98 -11.78 22.55
C LEU B 522 19.11 -12.12 21.07
N MET B 523 20.26 -12.69 20.68
CA MET B 523 20.44 -13.10 19.29
C MET B 523 19.50 -14.25 18.93
N MET B 524 19.29 -15.20 19.85
CA MET B 524 18.42 -16.34 19.56
C MET B 524 16.96 -15.94 19.54
N VAL B 525 16.55 -15.01 20.40
CA VAL B 525 15.14 -14.59 20.37
C VAL B 525 14.87 -13.73 19.13
N ALA B 526 15.90 -13.01 18.65
CA ALA B 526 15.77 -12.29 17.39
C ALA B 526 15.62 -13.24 16.21
N TYR B 527 16.47 -14.28 16.14
CA TYR B 527 16.38 -15.29 15.09
C TYR B 527 15.05 -16.03 15.14
N SER B 528 14.56 -16.35 16.33
CA SER B 528 13.35 -17.17 16.43
C SER B 528 12.11 -16.36 16.07
N ALA B 529 12.02 -15.11 16.52
CA ALA B 529 10.90 -14.27 16.12
C ALA B 529 10.94 -13.97 14.62
N SER B 530 12.14 -13.76 14.07
CA SER B 530 12.22 -13.48 12.65
C SER B 530 11.98 -14.72 11.81
N SER B 531 12.29 -15.90 12.36
CA SER B 531 11.99 -17.14 11.66
C SER B 531 10.50 -17.42 11.66
N MET B 532 9.80 -17.02 12.72
CA MET B 532 8.34 -17.11 12.67
C MET B 532 7.77 -16.10 11.68
N ALA B 533 8.42 -14.94 11.54
CA ALA B 533 8.01 -13.97 10.52
C ALA B 533 8.17 -14.54 9.12
N LEU B 534 9.27 -15.25 8.88
CA LEU B 534 9.47 -15.85 7.57
C LEU B 534 8.53 -17.03 7.35
N ALA B 535 8.15 -17.73 8.42
CA ALA B 535 7.24 -18.85 8.27
C ALA B 535 5.83 -18.38 7.94
N ILE B 536 5.42 -17.25 8.50
CA ILE B 536 4.09 -16.73 8.20
C ILE B 536 4.08 -15.96 6.87
N ALA B 537 5.21 -15.32 6.55
CA ALA B 537 5.21 -14.33 5.49
C ALA B 537 5.53 -14.93 4.13
N ALA B 538 6.18 -16.09 4.08
CA ALA B 538 6.67 -16.62 2.82
C ALA B 538 5.52 -17.11 1.94
N GLY B 539 5.61 -16.81 0.66
CA GLY B 539 4.60 -17.26 -0.28
C GLY B 539 3.35 -16.43 -0.32
N GLN B 540 3.37 -15.20 0.21
CA GLN B 540 2.25 -14.29 0.14
C GLN B 540 2.63 -13.08 -0.69
N SER B 541 1.64 -12.28 -1.06
CA SER B 541 1.89 -11.16 -1.95
C SER B 541 1.77 -9.82 -1.24
N VAL B 542 0.96 -9.74 -0.19
CA VAL B 542 0.73 -8.50 0.55
C VAL B 542 1.53 -8.55 1.84
N VAL B 543 1.82 -7.38 2.40
CA VAL B 543 2.63 -7.30 3.61
C VAL B 543 1.74 -7.12 4.84
N SER B 544 0.57 -6.50 4.65
CA SER B 544 -0.20 -5.99 5.79
C SER B 544 -0.83 -7.11 6.60
N VAL B 545 -1.36 -8.14 5.94
CA VAL B 545 -2.02 -9.22 6.66
C VAL B 545 -1.00 -10.05 7.43
N ALA B 546 0.18 -10.27 6.83
CA ALA B 546 1.22 -11.03 7.51
C ALA B 546 1.80 -10.26 8.69
N THR B 547 1.99 -8.94 8.53
CA THR B 547 2.47 -8.09 9.62
C THR B 547 1.46 -8.06 10.77
N LEU B 548 0.18 -7.95 10.45
CA LEU B 548 -0.86 -7.95 11.47
C LEU B 548 -0.92 -9.28 12.20
N LEU B 549 -0.76 -10.40 11.48
CA LEU B 549 -0.80 -11.70 12.12
C LEU B 549 0.42 -11.93 13.00
N MET B 550 1.58 -11.41 12.60
CA MET B 550 2.77 -11.43 13.46
C MET B 550 2.53 -10.68 14.76
N THR B 551 1.88 -9.52 14.66
CA THR B 551 1.66 -8.73 15.87
C THR B 551 0.63 -9.38 16.80
N ILE B 552 -0.39 -10.04 16.22
CA ILE B 552 -1.37 -10.78 17.03
C ILE B 552 -0.69 -11.93 17.77
N CYS B 553 0.16 -12.70 17.06
CA CYS B 553 0.88 -13.79 17.71
C CYS B 553 1.81 -13.28 18.81
N PHE B 554 2.42 -12.12 18.62
CA PHE B 554 3.31 -11.60 19.65
C PHE B 554 2.56 -11.10 20.87
N VAL B 555 1.37 -10.51 20.69
CA VAL B 555 0.66 -10.05 21.88
C VAL B 555 -0.01 -11.21 22.59
N PHE B 556 -0.16 -12.35 21.92
CA PHE B 556 -0.60 -13.53 22.65
C PHE B 556 0.57 -14.31 23.24
N MET B 557 1.80 -13.99 22.82
CA MET B 557 2.97 -14.61 23.45
C MET B 557 3.44 -13.84 24.67
N MET B 558 3.31 -12.51 24.64
CA MET B 558 3.86 -11.71 25.74
C MET B 558 3.03 -11.81 27.00
N ILE B 559 1.79 -12.29 26.91
CA ILE B 559 1.04 -12.59 28.12
C ILE B 559 1.68 -13.76 28.84
N PHE B 560 2.03 -14.80 28.10
CA PHE B 560 2.66 -15.99 28.66
C PHE B 560 4.15 -15.85 28.82
N SER B 561 4.72 -14.66 28.57
CA SER B 561 6.13 -14.42 28.83
C SER B 561 6.50 -14.62 30.29
N GLY B 562 5.71 -14.09 31.21
CA GLY B 562 5.92 -14.32 32.63
C GLY B 562 5.99 -13.07 33.50
N LEU B 563 6.07 -11.88 32.91
CA LEU B 563 6.06 -10.68 33.73
C LEU B 563 4.63 -10.28 34.08
N LEU B 564 3.72 -10.36 33.12
CA LEU B 564 2.36 -9.89 33.35
C LEU B 564 1.60 -10.85 34.25
N VAL B 565 1.50 -12.12 33.84
CA VAL B 565 0.85 -13.15 34.64
C VAL B 565 1.95 -13.99 35.27
N ASN B 566 1.69 -14.53 36.45
CA ASN B 566 2.61 -15.52 36.99
C ASN B 566 2.23 -16.88 36.41
N LEU B 567 3.23 -17.60 35.92
CA LEU B 567 2.96 -18.78 35.09
C LEU B 567 2.43 -19.94 35.90
N THR B 568 2.67 -19.94 37.21
CA THR B 568 2.16 -21.03 38.04
C THR B 568 0.68 -20.83 38.35
N THR B 569 0.21 -19.59 38.29
CA THR B 569 -1.19 -19.31 38.65
C THR B 569 -2.13 -19.43 37.47
N ILE B 570 -1.61 -19.75 36.28
CA ILE B 570 -2.49 -20.05 35.16
C ILE B 570 -3.09 -21.43 35.39
N ALA B 571 -4.38 -21.58 35.04
CA ALA B 571 -5.04 -22.87 35.13
C ALA B 571 -4.37 -23.89 34.23
N SER B 572 -4.46 -25.16 34.62
CA SER B 572 -3.62 -26.18 34.01
C SER B 572 -4.14 -26.60 32.64
N TRP B 573 -5.39 -26.25 32.32
CA TRP B 573 -5.91 -26.56 30.99
C TRP B 573 -5.52 -25.47 30.00
N LEU B 574 -4.87 -24.42 30.47
CA LEU B 574 -4.46 -23.30 29.64
C LEU B 574 -2.98 -22.97 29.83
N SER B 575 -2.32 -23.58 30.81
CA SER B 575 -0.91 -23.30 31.05
C SER B 575 0.00 -24.04 30.08
N TRP B 576 -0.57 -24.84 29.18
CA TRP B 576 0.24 -25.51 28.18
C TRP B 576 0.57 -24.61 27.00
N LEU B 577 -0.05 -23.43 26.92
CA LEU B 577 0.24 -22.50 25.84
C LEU B 577 1.52 -21.73 26.09
N GLN B 578 2.12 -21.88 27.28
CA GLN B 578 3.32 -21.11 27.58
C GLN B 578 4.55 -21.68 26.89
N TYR B 579 4.41 -22.83 26.23
CA TYR B 579 5.56 -23.43 25.58
C TYR B 579 5.69 -22.96 24.14
N PHE B 580 4.63 -22.34 23.62
CA PHE B 580 4.65 -21.87 22.25
C PHE B 580 5.24 -20.47 22.12
N SER B 581 5.60 -19.82 23.21
CA SER B 581 5.88 -18.40 23.21
C SER B 581 7.38 -18.14 23.32
N ILE B 582 7.92 -17.51 22.30
CA ILE B 582 9.32 -17.07 22.17
C ILE B 582 9.77 -16.06 23.25
N PRO B 583 8.98 -15.02 23.62
CA PRO B 583 9.45 -14.16 24.71
C PRO B 583 9.54 -14.86 26.04
N ARG B 584 8.78 -15.92 26.28
CA ARG B 584 8.91 -16.67 27.53
C ARG B 584 10.26 -17.35 27.63
N TYR B 585 10.75 -17.90 26.53
CA TYR B 585 12.05 -18.56 26.56
C TYR B 585 13.19 -17.55 26.66
N GLY B 586 13.11 -16.46 25.89
CA GLY B 586 14.15 -15.44 25.99
C GLY B 586 14.18 -14.76 27.35
N PHE B 587 13.02 -14.43 27.89
CA PHE B 587 12.89 -13.74 29.15
C PHE B 587 13.20 -14.64 30.34
N THR B 588 12.84 -15.92 30.28
CA THR B 588 13.22 -16.86 31.33
C THR B 588 14.72 -17.10 31.33
N ALA B 589 15.34 -17.15 30.15
CA ALA B 589 16.78 -17.33 30.09
C ALA B 589 17.51 -16.11 30.62
N LEU B 590 16.99 -14.90 30.35
CA LEU B 590 17.65 -13.71 30.88
C LEU B 590 17.45 -13.54 32.38
N GLN B 591 16.25 -13.88 32.89
CA GLN B 591 16.03 -13.84 34.33
C GLN B 591 16.87 -14.87 35.06
N HIS B 592 17.01 -16.07 34.51
CA HIS B 592 17.86 -17.06 35.15
C HIS B 592 19.33 -16.69 35.03
N ASN B 593 19.68 -15.97 33.97
CA ASN B 593 21.05 -15.48 33.82
C ASN B 593 21.38 -14.44 34.87
N GLU B 594 20.44 -13.57 35.19
CA GLU B 594 20.80 -12.38 35.92
C GLU B 594 20.42 -12.43 37.41
N PHE B 595 19.44 -13.24 37.81
CA PHE B 595 18.93 -13.20 39.17
C PHE B 595 19.59 -14.15 40.14
N LEU B 596 20.74 -14.75 39.81
CA LEU B 596 21.26 -15.80 40.68
C LEU B 596 21.99 -15.22 41.89
N GLY B 597 23.11 -14.55 41.67
CA GLY B 597 23.95 -14.09 42.76
C GLY B 597 23.52 -12.80 43.42
N GLN B 598 22.29 -12.35 43.22
CA GLN B 598 21.89 -11.04 43.71
C GLN B 598 21.13 -11.16 45.02
N ASN B 599 21.32 -10.17 45.89
CA ASN B 599 20.54 -10.00 47.11
C ASN B 599 19.82 -8.66 47.03
N PHE B 600 18.56 -8.64 47.45
CA PHE B 600 17.71 -7.47 47.29
C PHE B 600 17.15 -6.95 48.61
N CYS B 601 17.83 -7.23 49.71
CA CYS B 601 17.49 -6.66 51.01
C CYS B 601 18.76 -6.17 51.68
N PRO B 602 19.02 -4.86 51.69
CA PRO B 602 20.30 -4.37 52.21
C PRO B 602 20.34 -4.29 53.73
N GLY B 603 21.49 -4.63 54.30
CA GLY B 603 21.65 -4.62 55.75
C GLY B 603 20.79 -5.63 56.46
N LEU B 604 20.58 -6.79 55.85
CA LEU B 604 19.56 -7.71 56.33
C LEU B 604 20.07 -8.58 57.47
N ASN B 605 21.11 -9.38 57.19
CA ASN B 605 21.81 -10.36 58.06
C ASN B 605 20.90 -11.09 59.04
N ALA B 606 19.80 -11.64 58.52
CA ALA B 606 18.76 -12.38 59.23
C ALA B 606 18.16 -11.60 60.40
N THR B 607 17.58 -10.43 60.13
CA THR B 607 16.93 -9.67 61.19
C THR B 607 15.58 -10.28 61.55
N GLY B 608 14.73 -10.53 60.56
CA GLY B 608 13.39 -11.02 60.82
C GLY B 608 13.23 -12.52 60.66
N ASN B 609 14.28 -13.28 60.99
CA ASN B 609 14.27 -14.74 61.08
C ASN B 609 13.88 -15.39 59.75
N ASN B 610 14.78 -15.26 58.74
CA ASN B 610 14.55 -15.66 57.34
C ASN B 610 13.29 -14.95 56.85
N PRO B 611 13.43 -13.71 56.39
CA PRO B 611 12.57 -12.60 56.83
C PRO B 611 11.08 -12.75 56.58
N CYS B 612 10.43 -13.43 57.51
CA CYS B 612 9.00 -13.32 57.83
C CYS B 612 8.12 -13.80 56.66
N ASN B 613 8.66 -14.68 55.82
CA ASN B 613 7.97 -15.55 54.86
C ASN B 613 7.35 -14.78 53.69
N TYR B 614 7.44 -13.44 53.67
CA TYR B 614 6.85 -12.66 52.58
C TYR B 614 7.82 -11.62 52.04
N ALA B 615 9.11 -11.91 52.05
CA ALA B 615 10.10 -10.86 51.81
C ALA B 615 10.49 -10.77 50.35
N THR B 616 10.80 -11.93 49.73
CA THR B 616 11.49 -12.04 48.45
C THR B 616 12.80 -11.22 48.49
N CYS B 617 13.73 -11.67 49.32
CA CYS B 617 15.01 -10.98 49.48
C CYS B 617 16.06 -11.48 48.49
N THR B 618 16.39 -12.76 48.56
CA THR B 618 17.42 -13.25 47.64
C THR B 618 16.83 -13.45 46.25
N GLY B 619 17.71 -13.53 45.25
CA GLY B 619 17.24 -13.64 43.89
C GLY B 619 16.67 -15.01 43.58
N GLU B 620 17.17 -16.05 44.25
CA GLU B 620 16.63 -17.39 44.05
C GLU B 620 15.20 -17.50 44.56
N GLU B 621 14.85 -16.75 45.59
CA GLU B 621 13.49 -16.82 46.11
C GLU B 621 12.50 -16.15 45.16
N TYR B 622 12.95 -15.14 44.42
CA TYR B 622 12.13 -14.62 43.33
C TYR B 622 12.08 -15.59 42.18
N LEU B 623 13.21 -16.22 41.87
CA LEU B 623 13.31 -17.00 40.64
C LEU B 623 12.60 -18.35 40.79
N VAL B 624 12.36 -18.78 42.03
CA VAL B 624 11.59 -20.00 42.25
C VAL B 624 10.10 -19.74 42.05
N LYS B 625 9.57 -18.70 42.70
CA LYS B 625 8.14 -18.45 42.68
C LYS B 625 7.63 -17.93 41.34
N GLN B 626 8.51 -17.63 40.40
CA GLN B 626 8.10 -17.42 39.02
C GLN B 626 7.90 -18.73 38.27
N GLY B 627 8.37 -19.84 38.82
CA GLY B 627 8.32 -21.11 38.13
C GLY B 627 9.55 -21.43 37.32
N ILE B 628 10.71 -20.88 37.68
CA ILE B 628 11.91 -21.08 36.90
C ILE B 628 12.88 -21.98 37.67
N ASP B 629 13.44 -22.96 36.97
CA ASP B 629 14.38 -23.90 37.58
C ASP B 629 15.67 -23.18 37.95
N LEU B 630 16.38 -23.71 38.94
CA LEU B 630 17.62 -23.08 39.39
C LEU B 630 18.86 -23.79 38.82
N SER B 631 18.69 -25.01 38.31
CA SER B 631 19.76 -25.75 37.70
C SER B 631 20.15 -25.11 36.36
N PRO B 632 21.37 -25.33 35.86
CA PRO B 632 21.75 -24.74 34.57
C PRO B 632 21.00 -25.31 33.38
N TRP B 633 20.35 -26.48 33.52
CA TRP B 633 19.42 -26.92 32.50
C TRP B 633 18.23 -26.00 32.42
N GLY B 634 17.86 -25.36 33.54
CA GLY B 634 16.80 -24.36 33.52
C GLY B 634 17.20 -23.11 32.76
N LEU B 635 18.50 -22.92 32.53
CA LEU B 635 18.94 -21.90 31.60
C LEU B 635 18.93 -22.40 30.16
N TRP B 636 19.58 -23.54 29.91
CA TRP B 636 19.89 -23.87 28.52
C TRP B 636 18.73 -24.57 27.81
N LYS B 637 17.70 -24.98 28.53
CA LYS B 637 16.55 -25.55 27.84
C LYS B 637 15.77 -24.49 27.09
N ASN B 638 15.89 -23.24 27.52
CA ASN B 638 15.30 -22.14 26.78
C ASN B 638 16.01 -21.94 25.45
N HIS B 639 17.34 -22.05 25.45
CA HIS B 639 18.07 -21.88 24.19
C HIS B 639 17.86 -23.05 23.25
N VAL B 640 17.70 -24.27 23.78
CA VAL B 640 17.45 -25.38 22.87
C VAL B 640 16.01 -25.34 22.36
N ALA B 641 15.09 -24.75 23.14
CA ALA B 641 13.74 -24.56 22.63
C ALA B 641 13.70 -23.49 21.55
N LEU B 642 14.50 -22.43 21.71
CA LEU B 642 14.60 -21.42 20.66
C LEU B 642 15.24 -21.97 19.39
N ALA B 643 16.25 -22.84 19.54
CA ALA B 643 16.87 -23.45 18.37
C ALA B 643 15.92 -24.39 17.65
N CYS B 644 15.10 -25.13 18.40
CA CYS B 644 14.10 -25.99 17.76
C CYS B 644 13.02 -25.16 17.07
N MET B 645 12.67 -24.00 17.62
CA MET B 645 11.67 -23.18 16.95
C MET B 645 12.24 -22.51 15.71
N ILE B 646 13.54 -22.18 15.72
CA ILE B 646 14.21 -21.71 14.51
C ILE B 646 14.18 -22.76 13.41
N VAL B 647 14.50 -24.02 13.77
CA VAL B 647 14.54 -25.08 12.77
C VAL B 647 13.15 -25.37 12.22
N ILE B 648 12.13 -25.42 13.10
CA ILE B 648 10.77 -25.70 12.64
C ILE B 648 10.22 -24.56 11.79
N PHE B 649 10.47 -23.31 12.18
CA PHE B 649 9.92 -22.18 11.43
C PHE B 649 10.62 -21.99 10.10
N LEU B 650 11.93 -22.23 10.03
CA LEU B 650 12.60 -22.14 8.74
C LEU B 650 12.22 -23.31 7.84
N THR B 651 11.92 -24.48 8.41
CA THR B 651 11.44 -25.59 7.59
C THR B 651 10.05 -25.31 7.03
N ILE B 652 9.18 -24.69 7.83
CA ILE B 652 7.84 -24.34 7.34
C ILE B 652 7.93 -23.25 6.29
N ALA B 653 8.85 -22.29 6.45
CA ALA B 653 9.05 -21.27 5.42
C ALA B 653 9.59 -21.87 4.13
N TYR B 654 10.49 -22.84 4.24
CA TYR B 654 11.01 -23.51 3.05
C TYR B 654 9.94 -24.32 2.35
N LEU B 655 9.06 -24.97 3.10
CA LEU B 655 8.01 -25.75 2.46
C LEU B 655 6.94 -24.84 1.85
N LYS B 656 6.73 -23.65 2.41
CA LYS B 656 5.78 -22.74 1.80
C LYS B 656 6.36 -22.08 0.56
N LEU B 657 7.69 -21.97 0.47
CA LEU B 657 8.28 -21.54 -0.79
C LEU B 657 8.29 -22.66 -1.81
N LEU B 658 8.53 -23.89 -1.37
CA LEU B 658 8.69 -25.00 -2.30
C LEU B 658 7.36 -25.45 -2.88
N PHE B 659 6.30 -25.47 -2.06
CA PHE B 659 4.99 -25.88 -2.53
C PHE B 659 4.15 -24.71 -3.03
N LEU B 660 4.78 -23.62 -3.45
CA LEU B 660 4.06 -22.48 -3.96
C LEU B 660 3.56 -22.76 -5.37
N LYS B 661 2.42 -22.19 -5.73
CA LYS B 661 1.97 -22.27 -7.11
C LYS B 661 2.78 -21.32 -7.97
N LYS B 662 3.74 -21.88 -8.71
CA LYS B 662 4.67 -21.07 -9.48
C LYS B 662 4.07 -20.57 -10.79
N TYR B 663 2.97 -21.17 -11.25
CA TYR B 663 2.41 -20.79 -12.54
C TYR B 663 1.35 -19.71 -12.40
#